data_8CQB
#
_entry.id   8CQB
#
loop_
_entity.id
_entity.type
_entity.pdbx_description
1 polymer 'Guanylate-binding protein 1'
2 non-polymer "GUANOSINE-5'-DIPHOSPHATE"
3 non-polymer 'ALUMINUM FLUORIDE'
4 non-polymer 'MAGNESIUM ION'
#
_entity_poly.entity_id   1
_entity_poly.type   'polypeptide(L)'
_entity_poly.pdbx_seq_one_letter_code
;MASEIHMTGPMCLIENTNGRLMANPEALKILSAITQPMVVVAIVGLYRTGKSYLMNKLAGKKKGFSLGSTVQSHTKGIWM
WCVPHPKKPGHILVLLDTEGLGDVEKGDNQNDSWIFALAVLLSSTFVYNSIGTINQQAMDQLYYVTELTHRIRSKSSPDE
NENEVEDSADFVSFFPDFVWTLRDFSLDLEADGQPLTPDEYLTYSLKLKKGTSQKDETFNLPRLCIRKFFPKKKCFVFDR
PVHRRKLAQLEKLQDEELDPEFVQQVADFCSYIFSNSKTKTLSGGIQVNGPRLESLVLTYVNAISSGDLPCMENAVLALA
QIENSAAVQKAIAHYEQQMGQKVQLPTETLQELLDLHRDSEREAIEVFIRSSFKDVDHLFQKELAAQLEKKRDDFCKQNQ
EASSDRCSALLQVIFSPLEEEVKAGIYSKPGGYRLFVQKLQDLKKKYYEEPRKGIQAEEILQTYLKSKESMTDAILQTDQ
TLTEKEKEIEVERVKAESAQASAKMLQEMQRKNEQMMEQKERSYQEHLKQLTEKMENDRVQLLKEQERTLALKLQEQEQL
LKEGFQKESRIMKNEIQDLQTKMRRRKACTIS
;
_entity_poly.pdbx_strand_id   A,B
#
loop_
_chem_comp.id
_chem_comp.type
_chem_comp.name
_chem_comp.formula
AF3 non-polymer 'ALUMINUM FLUORIDE' 'Al F3'
GDP RNA linking GUANOSINE-5'-DIPHOSPHATE 'C10 H15 N5 O11 P2'
MG non-polymer 'MAGNESIUM ION' 'Mg 2'
#
# COMPACT_ATOMS: atom_id res chain seq x y z
N HIS A 6 12.91 -9.35 -45.05
CA HIS A 6 14.02 -9.08 -44.15
C HIS A 6 14.23 -10.22 -43.16
N MET A 7 13.50 -10.19 -42.06
CA MET A 7 13.67 -11.17 -40.98
C MET A 7 12.69 -12.32 -41.19
N THR A 8 13.21 -13.55 -41.10
CA THR A 8 12.38 -14.74 -41.28
C THR A 8 11.52 -15.03 -40.06
N GLY A 9 12.02 -14.77 -38.85
CA GLY A 9 11.29 -15.07 -37.65
C GLY A 9 11.71 -14.23 -36.47
N PRO A 10 10.91 -14.24 -35.41
CA PRO A 10 11.23 -13.44 -34.23
C PRO A 10 12.38 -14.03 -33.43
N MET A 11 12.83 -13.26 -32.44
CA MET A 11 13.81 -13.74 -31.49
C MET A 11 13.65 -12.98 -30.18
N CYS A 12 14.10 -13.60 -29.10
CA CYS A 12 13.96 -13.01 -27.78
C CYS A 12 14.88 -11.78 -27.65
N LEU A 13 14.33 -10.71 -27.09
CA LEU A 13 15.06 -9.47 -26.88
C LEU A 13 15.43 -9.25 -25.44
N ILE A 14 14.55 -9.62 -24.51
CA ILE A 14 14.84 -9.64 -23.08
C ILE A 14 14.41 -10.99 -22.55
N GLU A 15 15.38 -11.77 -22.05
CA GLU A 15 15.05 -13.06 -21.46
C GLU A 15 14.65 -12.88 -20.00
N ASN A 16 13.66 -13.66 -19.58
CA ASN A 16 13.11 -13.59 -18.23
C ASN A 16 13.34 -14.96 -17.58
N THR A 17 14.46 -15.07 -16.87
CA THR A 17 14.85 -16.32 -16.24
C THR A 17 14.84 -16.14 -14.73
N ASN A 18 14.02 -16.95 -14.05
CA ASN A 18 13.90 -16.92 -12.59
C ASN A 18 13.61 -15.51 -12.08
N GLY A 19 12.73 -14.81 -12.80
CA GLY A 19 12.33 -13.47 -12.41
C GLY A 19 13.34 -12.38 -12.72
N ARG A 20 14.43 -12.70 -13.41
CA ARG A 20 15.46 -11.74 -13.77
C ARG A 20 15.37 -11.46 -15.26
N LEU A 21 15.40 -10.17 -15.62
CA LEU A 21 15.37 -9.73 -17.01
C LEU A 21 16.78 -9.36 -17.46
N MET A 22 17.22 -9.96 -18.56
CA MET A 22 18.54 -9.68 -19.12
C MET A 22 18.43 -9.51 -20.63
N ALA A 23 19.11 -8.49 -21.15
CA ALA A 23 19.09 -8.23 -22.58
C ALA A 23 19.78 -9.38 -23.33
N ASN A 24 19.27 -9.67 -24.53
CA ASN A 24 19.80 -10.75 -25.33
C ASN A 24 20.80 -10.17 -26.34
N PRO A 25 22.09 -10.44 -26.21
CA PRO A 25 23.07 -9.87 -27.16
C PRO A 25 22.81 -10.27 -28.59
N GLU A 26 22.26 -11.47 -28.84
CA GLU A 26 21.93 -11.87 -30.20
C GLU A 26 20.91 -10.95 -30.83
N ALA A 27 20.00 -10.39 -30.03
CA ALA A 27 19.03 -9.43 -30.53
C ALA A 27 19.61 -8.01 -30.57
N LEU A 28 20.44 -7.64 -29.60
CA LEU A 28 21.05 -6.32 -29.64
C LEU A 28 21.97 -6.17 -30.84
N LYS A 29 22.62 -7.25 -31.27
CA LYS A 29 23.51 -7.18 -32.43
C LYS A 29 22.75 -6.84 -33.70
N ILE A 30 21.61 -7.50 -33.93
CA ILE A 30 20.83 -7.22 -35.14
C ILE A 30 20.18 -5.84 -35.04
N LEU A 31 19.80 -5.41 -33.83
CA LEU A 31 19.34 -4.04 -33.65
C LEU A 31 20.41 -3.05 -34.07
N SER A 32 21.66 -3.30 -33.70
CA SER A 32 22.75 -2.36 -33.98
C SER A 32 23.00 -2.18 -35.47
N ALA A 33 22.52 -3.09 -36.32
CA ALA A 33 22.81 -3.04 -37.75
C ALA A 33 21.70 -2.39 -38.56
N ILE A 34 20.66 -1.86 -37.93
CA ILE A 34 19.53 -1.25 -38.62
C ILE A 34 19.59 0.26 -38.42
N THR A 35 19.47 1.01 -39.51
CA THR A 35 19.60 2.46 -39.47
C THR A 35 18.29 3.21 -39.65
N GLN A 36 17.31 2.62 -40.32
CA GLN A 36 16.07 3.32 -40.62
C GLN A 36 15.28 3.60 -39.34
N PRO A 37 14.44 4.64 -39.35
CA PRO A 37 13.56 4.87 -38.21
C PRO A 37 12.55 3.74 -38.05
N MET A 38 12.17 3.48 -36.80
CA MET A 38 11.29 2.37 -36.46
C MET A 38 10.01 2.89 -35.83
N VAL A 39 8.89 2.24 -36.19
CA VAL A 39 7.66 2.33 -35.42
C VAL A 39 7.51 1.02 -34.64
N VAL A 40 7.32 1.12 -33.33
CA VAL A 40 7.32 -0.04 -32.45
C VAL A 40 5.90 -0.27 -31.95
N VAL A 41 5.37 -1.46 -32.21
CA VAL A 41 4.06 -1.85 -31.73
C VAL A 41 4.26 -2.93 -30.67
N ALA A 42 3.92 -2.61 -29.42
CA ALA A 42 4.07 -3.55 -28.31
C ALA A 42 2.69 -3.98 -27.84
N ILE A 43 2.60 -5.23 -27.39
CA ILE A 43 1.34 -5.79 -26.91
C ILE A 43 1.52 -6.34 -25.50
N VAL A 44 0.49 -6.18 -24.68
CA VAL A 44 0.37 -6.86 -23.39
C VAL A 44 -1.07 -7.34 -23.27
N GLY A 45 -1.30 -8.20 -22.28
CA GLY A 45 -2.64 -8.68 -22.02
C GLY A 45 -2.63 -9.81 -21.02
N LEU A 46 -3.83 -10.35 -20.79
CA LEU A 46 -3.97 -11.51 -19.94
C LEU A 46 -3.43 -12.75 -20.64
N TYR A 47 -2.84 -13.64 -19.86
CA TYR A 47 -2.10 -14.76 -20.45
C TYR A 47 -3.07 -15.77 -21.06
N ARG A 48 -2.61 -16.42 -22.14
CA ARG A 48 -3.42 -17.33 -22.96
C ARG A 48 -4.67 -16.62 -23.49
N THR A 49 -4.43 -15.63 -24.35
CA THR A 49 -5.52 -14.89 -24.97
C THR A 49 -5.41 -14.75 -26.48
N GLY A 50 -4.26 -14.96 -27.08
CA GLY A 50 -4.07 -14.75 -28.50
C GLY A 50 -3.24 -13.54 -28.88
N LYS A 51 -2.46 -12.99 -27.95
CA LYS A 51 -1.56 -11.89 -28.27
C LYS A 51 -0.62 -12.26 -29.41
N SER A 52 0.06 -13.39 -29.28
CA SER A 52 0.97 -13.84 -30.33
C SER A 52 0.23 -14.07 -31.64
N TYR A 53 -0.99 -14.59 -31.58
CA TYR A 53 -1.74 -14.84 -32.81
C TYR A 53 -2.05 -13.55 -33.56
N LEU A 54 -2.43 -12.50 -32.84
CA LEU A 54 -2.76 -11.25 -33.52
C LEU A 54 -1.51 -10.52 -34.00
N MET A 55 -0.42 -10.59 -33.25
CA MET A 55 0.82 -9.99 -33.70
C MET A 55 1.41 -10.72 -34.90
N ASN A 56 1.05 -11.99 -35.08
CA ASN A 56 1.35 -12.66 -36.35
C ASN A 56 0.65 -11.99 -37.51
N LYS A 57 -0.62 -11.61 -37.32
CA LYS A 57 -1.36 -10.91 -38.36
C LYS A 57 -0.83 -9.52 -38.64
N LEU A 58 -0.16 -8.89 -37.66
CA LEU A 58 0.46 -7.59 -37.91
C LEU A 58 1.59 -7.71 -38.93
N ALA A 59 2.45 -8.71 -38.78
CA ALA A 59 3.44 -9.00 -39.80
C ALA A 59 2.82 -9.63 -41.04
N GLY A 60 1.60 -10.16 -40.92
CA GLY A 60 0.91 -10.71 -42.08
C GLY A 60 1.48 -12.01 -42.58
N LYS A 61 2.21 -12.74 -41.73
CA LYS A 61 2.81 -14.02 -42.10
C LYS A 61 2.27 -15.11 -41.21
N LYS A 62 1.61 -16.09 -41.82
CA LYS A 62 1.19 -17.28 -41.08
C LYS A 62 2.42 -18.02 -40.60
N LYS A 63 2.38 -18.47 -39.34
CA LYS A 63 3.52 -19.06 -38.63
C LYS A 63 4.57 -18.00 -38.36
N GLY A 64 4.98 -17.89 -37.09
CA GLY A 64 5.74 -16.75 -36.62
C GLY A 64 5.99 -16.87 -35.13
N PHE A 65 5.66 -15.83 -34.37
CA PHE A 65 5.64 -15.93 -32.90
C PHE A 65 5.00 -17.24 -32.47
N SER A 66 5.73 -17.99 -31.62
CA SER A 66 5.25 -19.27 -31.14
C SER A 66 4.00 -19.07 -30.29
N LEU A 67 2.99 -19.90 -30.54
CA LEU A 67 1.67 -19.71 -29.93
C LEU A 67 1.53 -20.51 -28.63
N GLY A 68 1.59 -21.83 -28.72
CA GLY A 68 1.32 -22.67 -27.56
C GLY A 68 -0.17 -22.82 -27.34
N SER A 69 -0.67 -24.05 -27.20
CA SER A 69 -2.10 -24.30 -27.08
C SER A 69 -2.47 -25.04 -25.80
N THR A 70 -1.62 -25.01 -24.78
CA THR A 70 -1.93 -25.66 -23.52
C THR A 70 -2.33 -24.60 -22.49
N VAL A 71 -2.66 -25.06 -21.28
CA VAL A 71 -3.00 -24.13 -20.20
C VAL A 71 -1.76 -23.53 -19.56
N GLN A 72 -0.57 -23.92 -19.99
CA GLN A 72 0.67 -23.33 -19.50
C GLN A 72 1.07 -22.16 -20.39
N SER A 73 1.75 -21.19 -19.78
CA SER A 73 2.27 -20.06 -20.55
C SER A 73 3.38 -20.52 -21.47
N HIS A 74 3.37 -20.01 -22.71
CA HIS A 74 4.36 -20.38 -23.71
C HIS A 74 5.30 -19.22 -24.02
N THR A 75 4.75 -18.07 -24.42
CA THR A 75 5.58 -16.90 -24.69
C THR A 75 6.18 -16.38 -23.38
N LYS A 76 7.50 -16.43 -23.26
CA LYS A 76 8.19 -16.01 -22.06
C LYS A 76 9.14 -14.87 -22.39
N GLY A 77 9.18 -13.86 -21.52
CA GLY A 77 9.97 -12.69 -21.81
C GLY A 77 9.34 -11.84 -22.90
N ILE A 78 10.19 -11.07 -23.57
CA ILE A 78 9.80 -10.21 -24.67
C ILE A 78 10.46 -10.73 -25.94
N TRP A 79 9.68 -10.89 -26.99
CA TRP A 79 10.18 -11.37 -28.28
C TRP A 79 9.97 -10.31 -29.35
N MET A 80 11.04 -10.01 -30.07
CA MET A 80 11.08 -8.95 -31.07
C MET A 80 11.00 -9.52 -32.47
N TRP A 81 10.35 -8.77 -33.37
CA TRP A 81 10.34 -9.09 -34.79
C TRP A 81 10.46 -7.79 -35.56
N CYS A 82 11.38 -7.76 -36.54
CA CYS A 82 11.59 -6.60 -37.39
C CYS A 82 11.12 -6.90 -38.80
N VAL A 83 10.26 -6.04 -39.33
CA VAL A 83 9.82 -6.13 -40.73
C VAL A 83 9.84 -4.75 -41.35
N PRO A 84 9.96 -4.68 -42.67
CA PRO A 84 9.76 -3.40 -43.35
C PRO A 84 8.33 -2.92 -43.18
N HIS A 85 8.17 -1.61 -43.04
CA HIS A 85 6.84 -1.03 -42.85
C HIS A 85 6.01 -1.20 -44.11
N PRO A 86 4.86 -1.88 -44.05
CA PRO A 86 4.07 -2.09 -45.26
C PRO A 86 3.56 -0.82 -45.90
N LYS A 87 3.24 0.21 -45.13
CA LYS A 87 2.64 1.42 -45.67
C LYS A 87 3.47 2.68 -45.49
N LYS A 88 4.59 2.63 -44.76
CA LYS A 88 5.46 3.78 -44.59
C LYS A 88 6.84 3.46 -45.16
N PRO A 89 7.15 3.90 -46.38
CA PRO A 89 8.50 3.68 -46.91
C PRO A 89 9.54 4.39 -46.07
N GLY A 90 10.68 3.72 -45.89
CA GLY A 90 11.75 4.25 -45.07
C GLY A 90 11.65 3.94 -43.59
N HIS A 91 10.56 3.31 -43.15
CA HIS A 91 10.36 2.95 -41.75
C HIS A 91 10.34 1.44 -41.59
N ILE A 92 10.55 1.01 -40.35
CA ILE A 92 10.58 -0.42 -40.01
C ILE A 92 9.60 -0.67 -38.87
N LEU A 93 8.72 -1.64 -39.07
CA LEU A 93 7.77 -2.05 -38.04
C LEU A 93 8.44 -3.07 -37.12
N VAL A 94 8.49 -2.75 -35.83
CA VAL A 94 9.08 -3.63 -34.81
C VAL A 94 7.97 -4.09 -33.89
N LEU A 95 7.69 -5.40 -33.91
CA LEU A 95 6.65 -5.98 -33.10
C LEU A 95 7.25 -6.53 -31.81
N LEU A 96 6.65 -6.18 -30.68
CA LEU A 96 7.07 -6.69 -29.36
C LEU A 96 5.93 -7.49 -28.75
N ASP A 97 6.11 -8.80 -28.68
CA ASP A 97 5.17 -9.68 -27.98
C ASP A 97 5.75 -9.99 -26.60
N THR A 98 4.99 -9.69 -25.56
CA THR A 98 5.45 -9.83 -24.19
C THR A 98 4.70 -10.96 -23.49
N GLU A 99 5.34 -11.51 -22.46
CA GLU A 99 4.74 -12.56 -21.66
C GLU A 99 3.41 -12.09 -21.06
N GLY A 100 2.40 -12.94 -21.12
CA GLY A 100 1.10 -12.58 -20.63
C GLY A 100 1.08 -12.42 -19.12
N LEU A 101 0.15 -11.60 -18.64
CA LEU A 101 0.01 -11.36 -17.22
C LEU A 101 -0.88 -12.42 -16.58
N GLY A 102 -0.79 -12.52 -15.26
CA GLY A 102 -1.65 -13.44 -14.53
C GLY A 102 -1.24 -14.89 -14.58
N ASP A 103 0.06 -15.17 -14.71
CA ASP A 103 0.52 -16.56 -14.70
C ASP A 103 0.33 -17.18 -13.33
N VAL A 104 -0.25 -18.38 -13.31
CA VAL A 104 -0.41 -19.11 -12.05
C VAL A 104 0.78 -20.02 -11.77
N GLU A 105 1.41 -20.58 -12.81
CA GLU A 105 2.62 -21.36 -12.60
C GLU A 105 3.75 -20.49 -12.07
N LYS A 106 3.92 -19.29 -12.65
CA LYS A 106 4.93 -18.36 -12.15
C LYS A 106 4.45 -17.67 -10.87
N GLY A 107 3.24 -17.12 -10.89
CA GLY A 107 2.62 -16.52 -9.73
C GLY A 107 3.44 -15.41 -9.11
N ASP A 108 3.62 -14.32 -9.85
CA ASP A 108 4.36 -13.17 -9.35
C ASP A 108 3.88 -11.93 -10.11
N ASN A 109 3.22 -11.01 -9.40
CA ASN A 109 2.76 -9.79 -10.03
C ASN A 109 3.87 -8.77 -10.18
N GLN A 110 5.01 -8.99 -9.52
CA GLN A 110 6.15 -8.09 -9.66
C GLN A 110 6.71 -8.13 -11.06
N ASN A 111 6.99 -9.33 -11.58
CA ASN A 111 7.59 -9.46 -12.89
C ASN A 111 6.63 -9.06 -13.99
N ASP A 112 5.34 -9.38 -13.82
CA ASP A 112 4.35 -9.02 -14.82
C ASP A 112 4.28 -7.51 -15.01
N SER A 113 4.33 -6.76 -13.90
CA SER A 113 4.33 -5.30 -13.98
C SER A 113 5.58 -4.79 -14.70
N TRP A 114 6.73 -5.42 -14.44
CA TRP A 114 7.96 -4.99 -15.11
C TRP A 114 7.86 -5.22 -16.62
N ILE A 115 7.32 -6.37 -17.03
CA ILE A 115 7.16 -6.67 -18.44
C ILE A 115 6.18 -5.68 -19.06
N PHE A 116 5.07 -5.43 -18.36
CA PHE A 116 4.10 -4.43 -18.78
C PHE A 116 4.76 -3.07 -18.99
N ALA A 117 5.52 -2.60 -18.01
CA ALA A 117 6.15 -1.28 -18.10
C ALA A 117 7.18 -1.23 -19.24
N LEU A 118 7.94 -2.31 -19.43
CA LEU A 118 8.89 -2.34 -20.54
C LEU A 118 8.19 -2.22 -21.88
N ALA A 119 7.07 -2.93 -22.04
CA ALA A 119 6.32 -2.84 -23.29
C ALA A 119 5.81 -1.43 -23.53
N VAL A 120 5.26 -0.78 -22.50
CA VAL A 120 4.76 0.58 -22.64
C VAL A 120 5.89 1.53 -23.04
N LEU A 121 7.02 1.44 -22.34
CA LEU A 121 8.13 2.37 -22.59
C LEU A 121 8.69 2.19 -24.00
N LEU A 122 8.92 0.94 -24.40
CA LEU A 122 9.48 0.66 -25.72
C LEU A 122 8.49 0.87 -26.86
N SER A 123 7.20 0.97 -26.56
CA SER A 123 6.17 1.06 -27.59
C SER A 123 6.03 2.48 -28.12
N SER A 124 5.98 2.62 -29.44
CA SER A 124 5.40 3.79 -30.07
C SER A 124 3.92 3.59 -30.38
N THR A 125 3.39 2.40 -30.11
CA THR A 125 1.96 2.13 -30.22
C THR A 125 1.66 0.96 -29.30
N PHE A 126 0.88 1.21 -28.26
CA PHE A 126 0.62 0.22 -27.21
C PHE A 126 -0.73 -0.45 -27.46
N VAL A 127 -0.77 -1.77 -27.27
CA VAL A 127 -1.97 -2.57 -27.50
C VAL A 127 -2.25 -3.38 -26.25
N TYR A 128 -3.29 -2.99 -25.51
CA TYR A 128 -3.78 -3.79 -24.38
C TYR A 128 -4.83 -4.77 -24.89
N ASN A 129 -4.62 -6.05 -24.58
CA ASN A 129 -5.54 -7.11 -24.99
C ASN A 129 -6.27 -7.62 -23.77
N SER A 130 -7.59 -7.78 -23.89
CA SER A 130 -8.42 -8.21 -22.77
C SER A 130 -9.55 -9.10 -23.26
N ILE A 131 -10.18 -9.80 -22.32
CA ILE A 131 -11.23 -10.76 -22.61
C ILE A 131 -12.56 -10.18 -22.18
N GLY A 132 -13.56 -10.28 -23.05
CA GLY A 132 -14.93 -10.00 -22.67
C GLY A 132 -15.32 -8.53 -22.69
N THR A 133 -14.93 -7.78 -21.67
CA THR A 133 -15.39 -6.40 -21.51
C THR A 133 -14.26 -5.55 -20.94
N ILE A 134 -14.39 -4.24 -21.13
CA ILE A 134 -13.59 -3.29 -20.37
C ILE A 134 -13.87 -3.52 -18.89
N ASN A 135 -12.80 -3.70 -18.11
CA ASN A 135 -12.92 -4.25 -16.77
C ASN A 135 -12.25 -3.33 -15.77
N GLN A 136 -12.87 -3.19 -14.59
CA GLN A 136 -12.31 -2.31 -13.57
C GLN A 136 -10.97 -2.82 -13.08
N GLN A 137 -10.78 -4.14 -13.05
CA GLN A 137 -9.46 -4.69 -12.73
C GLN A 137 -8.44 -4.34 -13.81
N ALA A 138 -8.87 -4.36 -15.08
CA ALA A 138 -7.98 -3.97 -16.17
C ALA A 138 -7.61 -2.50 -16.03
N MET A 139 -8.57 -1.64 -15.68
CA MET A 139 -8.26 -0.24 -15.43
C MET A 139 -7.33 -0.08 -14.23
N ASP A 140 -7.56 -0.87 -13.18
CA ASP A 140 -6.73 -0.78 -11.98
C ASP A 140 -5.28 -1.13 -12.29
N GLN A 141 -5.06 -2.16 -13.10
CA GLN A 141 -3.69 -2.52 -13.47
C GLN A 141 -3.11 -1.52 -14.47
N LEU A 142 -3.92 -1.09 -15.44
CA LEU A 142 -3.42 -0.15 -16.44
C LEU A 142 -3.05 1.19 -15.79
N TYR A 143 -3.86 1.66 -14.84
CA TYR A 143 -3.53 2.87 -14.11
C TYR A 143 -2.23 2.70 -13.33
N TYR A 144 -2.11 1.57 -12.63
CA TYR A 144 -0.90 1.29 -11.85
C TYR A 144 0.34 1.30 -12.73
N VAL A 145 0.24 0.73 -13.93
CA VAL A 145 1.36 0.75 -14.86
C VAL A 145 1.69 2.17 -15.29
N THR A 146 0.66 3.01 -15.49
CA THR A 146 0.90 4.35 -16.02
C THR A 146 1.79 5.16 -15.08
N GLU A 147 1.55 5.07 -13.78
CA GLU A 147 2.44 5.72 -12.82
C GLU A 147 3.81 5.06 -12.80
N LEU A 148 3.85 3.73 -12.98
CA LEU A 148 5.11 3.01 -12.95
C LEU A 148 6.05 3.47 -14.07
N THR A 149 5.51 3.67 -15.28
CA THR A 149 6.34 4.13 -16.38
C THR A 149 6.86 5.54 -16.13
N HIS A 150 6.04 6.40 -15.51
CA HIS A 150 6.51 7.73 -15.12
C HIS A 150 7.68 7.64 -14.15
N ARG A 151 7.59 6.74 -13.16
CA ARG A 151 8.68 6.60 -12.20
C ARG A 151 9.93 6.01 -12.84
N ILE A 152 9.77 5.04 -13.74
CA ILE A 152 10.93 4.42 -14.38
C ILE A 152 11.68 5.45 -15.21
N ARG A 153 10.95 6.28 -15.96
CA ARG A 153 11.59 7.34 -16.73
C ARG A 153 12.33 8.33 -15.82
N SER A 154 11.88 8.48 -14.58
CA SER A 154 12.54 9.38 -13.65
C SER A 154 13.93 8.92 -13.25
N LYS A 155 14.30 7.68 -13.58
CA LYS A 155 15.60 7.14 -13.24
C LYS A 155 16.56 7.05 -14.43
N SER A 156 16.09 7.34 -15.65
CA SER A 156 16.95 7.28 -16.81
C SER A 156 16.72 8.40 -17.83
N SER A 157 15.83 9.34 -17.56
CA SER A 157 15.56 10.44 -18.46
C SER A 157 15.98 11.76 -17.82
N PRO A 158 16.69 12.63 -18.53
CA PRO A 158 17.29 13.80 -17.88
C PRO A 158 16.28 14.85 -17.43
N ASP A 159 15.45 15.33 -18.35
CA ASP A 159 14.55 16.46 -18.08
C ASP A 159 13.62 16.62 -19.27
N GLU A 160 12.83 17.70 -19.24
CA GLU A 160 11.95 18.21 -20.30
C GLU A 160 10.66 17.39 -20.44
N ASN A 161 10.50 16.30 -19.69
CA ASN A 161 9.28 15.51 -19.83
C ASN A 161 8.75 14.91 -18.55
N GLU A 162 9.50 14.88 -17.45
CA GLU A 162 9.11 14.15 -16.26
C GLU A 162 8.90 15.11 -15.09
N ASN A 163 7.67 15.14 -14.57
CA ASN A 163 7.31 15.78 -13.31
C ASN A 163 7.50 17.29 -13.28
N GLU A 164 7.95 17.90 -14.36
CA GLU A 164 8.16 19.35 -14.35
C GLU A 164 7.40 20.07 -15.45
N VAL A 165 7.37 19.54 -16.67
CA VAL A 165 6.64 20.13 -17.79
C VAL A 165 5.99 18.98 -18.55
N GLU A 166 4.65 18.90 -18.50
CA GLU A 166 3.92 17.84 -19.17
C GLU A 166 3.30 18.31 -20.48
N ASP A 167 2.47 19.34 -20.43
CA ASP A 167 1.76 19.84 -21.61
C ASP A 167 2.51 21.00 -22.25
N SER A 168 2.03 21.39 -23.43
CA SER A 168 2.59 22.51 -24.19
C SER A 168 4.06 22.31 -24.54
N ALA A 169 4.47 21.05 -24.71
CA ALA A 169 5.85 20.74 -25.09
C ALA A 169 5.90 19.77 -26.28
N ASP A 170 4.82 19.69 -27.05
CA ASP A 170 4.72 18.75 -28.17
C ASP A 170 4.99 17.32 -27.71
N PHE A 171 4.45 16.98 -26.53
CA PHE A 171 4.61 15.67 -25.94
C PHE A 171 3.70 14.61 -26.54
N VAL A 172 2.74 15.02 -27.38
CA VAL A 172 1.78 14.09 -27.96
C VAL A 172 2.46 13.01 -28.80
N SER A 173 3.65 13.29 -29.33
CA SER A 173 4.38 12.27 -30.07
C SER A 173 5.10 11.28 -29.16
N PHE A 174 5.47 11.72 -27.96
CA PHE A 174 6.26 10.87 -27.07
C PHE A 174 5.42 9.71 -26.52
N PHE A 175 4.37 10.02 -25.78
CA PHE A 175 3.56 8.99 -25.16
C PHE A 175 2.87 8.15 -26.23
N PRO A 176 2.84 6.82 -26.07
CA PRO A 176 2.31 5.96 -27.12
C PRO A 176 0.80 6.06 -27.26
N ASP A 177 0.34 5.88 -28.49
CA ASP A 177 -1.08 5.69 -28.74
C ASP A 177 -1.55 4.39 -28.10
N PHE A 178 -2.85 4.31 -27.84
CA PHE A 178 -3.43 3.21 -27.10
C PHE A 178 -4.51 2.53 -27.95
N VAL A 179 -4.46 1.21 -28.00
CA VAL A 179 -5.51 0.40 -28.62
C VAL A 179 -5.92 -0.67 -27.62
N TRP A 180 -7.19 -0.65 -27.23
CA TRP A 180 -7.77 -1.68 -26.38
C TRP A 180 -8.48 -2.69 -27.28
N THR A 181 -7.95 -3.90 -27.36
CA THR A 181 -8.57 -4.97 -28.13
C THR A 181 -9.36 -5.86 -27.20
N LEU A 182 -10.60 -6.17 -27.57
CA LEU A 182 -11.47 -7.06 -26.82
C LEU A 182 -11.63 -8.36 -27.59
N ARG A 183 -11.45 -9.48 -26.90
CA ARG A 183 -11.48 -10.78 -27.53
C ARG A 183 -12.76 -11.53 -27.16
N ASP A 184 -13.26 -12.32 -28.11
CA ASP A 184 -14.46 -13.14 -27.91
C ASP A 184 -15.63 -12.28 -27.44
N PHE A 185 -15.77 -11.09 -28.02
CA PHE A 185 -16.87 -10.21 -27.66
C PHE A 185 -18.21 -10.89 -27.94
N SER A 186 -19.12 -10.81 -26.98
CA SER A 186 -20.38 -11.53 -27.09
C SER A 186 -21.60 -10.64 -26.88
N LEU A 187 -21.48 -9.64 -26.00
CA LEU A 187 -22.63 -8.79 -25.70
C LEU A 187 -22.95 -7.87 -26.87
N ASP A 188 -24.20 -7.45 -26.96
CA ASP A 188 -24.57 -6.40 -27.90
C ASP A 188 -24.04 -5.05 -27.41
N LEU A 189 -23.75 -4.17 -28.37
CA LEU A 189 -23.20 -2.85 -28.06
C LEU A 189 -24.37 -1.92 -27.76
N GLU A 190 -24.70 -1.80 -26.48
CA GLU A 190 -25.81 -0.95 -26.04
C GLU A 190 -25.52 -0.45 -24.63
N ALA A 191 -25.97 0.77 -24.36
CA ALA A 191 -25.80 1.37 -23.04
C ALA A 191 -26.82 2.50 -22.87
N ASP A 192 -27.61 2.43 -21.80
CA ASP A 192 -28.67 3.40 -21.53
C ASP A 192 -29.70 3.47 -22.65
N GLY A 193 -29.78 2.42 -23.46
CA GLY A 193 -30.72 2.36 -24.55
C GLY A 193 -30.16 2.80 -25.89
N GLN A 194 -29.02 3.49 -25.89
CA GLN A 194 -28.42 4.02 -27.11
C GLN A 194 -27.28 3.14 -27.57
N PRO A 195 -27.26 2.72 -28.83
CA PRO A 195 -26.15 1.89 -29.31
C PRO A 195 -24.83 2.65 -29.28
N LEU A 196 -23.74 1.89 -29.26
CA LEU A 196 -22.40 2.44 -29.09
C LEU A 196 -21.45 1.90 -30.15
N THR A 197 -20.55 2.77 -30.60
CA THR A 197 -19.40 2.36 -31.37
C THR A 197 -18.29 1.89 -30.41
N PRO A 198 -17.28 1.17 -30.92
CA PRO A 198 -16.19 0.75 -30.02
C PRO A 198 -15.51 1.91 -29.32
N ASP A 199 -15.22 3.00 -30.04
CA ASP A 199 -14.58 4.15 -29.40
C ASP A 199 -15.53 4.83 -28.41
N GLU A 200 -16.81 4.89 -28.74
CA GLU A 200 -17.80 5.44 -27.81
C GLU A 200 -17.88 4.59 -26.55
N TYR A 201 -17.79 3.27 -26.70
CA TYR A 201 -17.76 2.39 -25.52
C TYR A 201 -16.53 2.67 -24.67
N LEU A 202 -15.37 2.82 -25.30
CA LEU A 202 -14.15 3.09 -24.55
C LEU A 202 -14.23 4.41 -23.80
N THR A 203 -14.76 5.46 -24.45
CA THR A 203 -14.88 6.75 -23.80
C THR A 203 -16.02 6.78 -22.78
N TYR A 204 -17.02 5.90 -22.91
CA TYR A 204 -18.07 5.81 -21.91
C TYR A 204 -17.57 5.11 -20.66
N SER A 205 -16.78 4.05 -20.81
CA SER A 205 -16.09 3.47 -19.67
C SER A 205 -15.07 4.42 -19.08
N LEU A 206 -14.50 5.31 -19.90
CA LEU A 206 -13.62 6.38 -19.42
C LEU A 206 -14.34 7.72 -19.30
N LYS A 207 -15.60 7.72 -18.89
CA LYS A 207 -16.37 8.94 -18.70
C LYS A 207 -16.36 9.32 -17.23
N LEU A 208 -15.93 10.55 -16.93
CA LEU A 208 -15.81 11.00 -15.56
C LEU A 208 -17.18 11.29 -14.97
N LYS A 209 -17.21 11.47 -13.65
CA LYS A 209 -18.45 11.66 -12.90
C LYS A 209 -18.55 13.08 -12.38
N LYS A 210 -19.75 13.67 -12.53
CA LYS A 210 -20.17 14.99 -12.06
C LYS A 210 -19.15 15.81 -11.28
N GLY A 211 -19.42 16.06 -10.00
CA GLY A 211 -18.66 17.01 -9.22
C GLY A 211 -17.71 16.41 -8.20
N THR A 212 -17.56 17.09 -7.06
CA THR A 212 -16.49 16.80 -6.10
C THR A 212 -17.07 16.25 -4.81
N SER A 213 -17.11 14.92 -4.69
CA SER A 213 -17.12 14.24 -3.41
C SER A 213 -15.73 13.65 -3.19
N GLN A 214 -15.57 12.85 -2.14
CA GLN A 214 -14.31 12.13 -1.97
C GLN A 214 -14.28 10.85 -2.78
N LYS A 215 -15.37 10.06 -2.72
CA LYS A 215 -15.47 8.86 -3.54
C LYS A 215 -15.45 9.17 -5.04
N ASP A 216 -15.98 10.33 -5.44
CA ASP A 216 -15.94 10.70 -6.85
C ASP A 216 -14.52 11.02 -7.31
N GLU A 217 -13.72 11.65 -6.46
CA GLU A 217 -12.30 11.80 -6.80
C GLU A 217 -11.58 10.45 -6.85
N THR A 218 -11.92 9.52 -5.95
CA THR A 218 -11.39 8.16 -6.07
C THR A 218 -11.82 7.55 -7.40
N PHE A 219 -13.07 7.80 -7.80
CA PHE A 219 -13.55 7.35 -9.10
C PHE A 219 -12.74 7.99 -10.23
N ASN A 220 -12.62 9.32 -10.20
CA ASN A 220 -12.02 10.04 -11.32
C ASN A 220 -10.53 9.80 -11.45
N LEU A 221 -9.85 9.44 -10.35
CA LEU A 221 -8.38 9.38 -10.37
C LEU A 221 -7.82 8.42 -11.42
N PRO A 222 -8.30 7.18 -11.57
CA PRO A 222 -7.74 6.34 -12.64
C PRO A 222 -8.03 6.87 -14.04
N ARG A 223 -9.25 7.35 -14.29
CA ARG A 223 -9.62 7.79 -15.62
C ARG A 223 -8.86 9.06 -16.02
N LEU A 224 -8.65 9.97 -15.07
CA LEU A 224 -7.86 11.16 -15.36
C LEU A 224 -6.45 10.80 -15.81
N CYS A 225 -5.79 9.90 -15.07
CA CYS A 225 -4.42 9.52 -15.41
C CYS A 225 -4.36 8.80 -16.75
N ILE A 226 -5.32 7.90 -17.02
CA ILE A 226 -5.33 7.20 -18.31
C ILE A 226 -5.50 8.20 -19.45
N ARG A 227 -6.51 9.07 -19.35
CA ARG A 227 -6.80 10.00 -20.43
C ARG A 227 -5.70 11.05 -20.60
N LYS A 228 -4.94 11.32 -19.54
CA LYS A 228 -3.79 12.22 -19.66
C LYS A 228 -2.64 11.54 -20.38
N PHE A 229 -2.12 10.44 -19.81
CA PHE A 229 -0.84 9.90 -20.26
C PHE A 229 -0.97 9.17 -21.59
N PHE A 230 -2.16 8.70 -21.95
CA PHE A 230 -2.37 8.14 -23.28
C PHE A 230 -2.98 9.21 -24.17
N PRO A 231 -2.25 9.75 -25.14
CA PRO A 231 -2.79 10.85 -25.96
C PRO A 231 -3.98 10.43 -26.82
N LYS A 232 -3.78 9.43 -27.66
CA LYS A 232 -4.80 8.95 -28.58
C LYS A 232 -5.24 7.54 -28.19
N LYS A 233 -6.54 7.36 -28.05
CA LYS A 233 -7.11 6.09 -27.63
C LYS A 233 -8.00 5.53 -28.73
N LYS A 234 -8.08 4.21 -28.79
CA LYS A 234 -9.00 3.53 -29.69
C LYS A 234 -9.33 2.17 -29.09
N CYS A 235 -10.46 1.62 -29.53
CA CYS A 235 -10.90 0.31 -29.07
C CYS A 235 -11.37 -0.51 -30.26
N PHE A 236 -11.12 -1.81 -30.20
CA PHE A 236 -11.54 -2.74 -31.24
C PHE A 236 -12.15 -3.97 -30.60
N VAL A 237 -13.03 -4.62 -31.35
CA VAL A 237 -13.71 -5.82 -30.89
C VAL A 237 -13.50 -6.93 -31.91
N PHE A 238 -13.35 -8.16 -31.42
CA PHE A 238 -13.11 -9.31 -32.27
C PHE A 238 -14.01 -10.45 -31.81
N ASP A 239 -14.66 -11.12 -32.76
CA ASP A 239 -15.47 -12.28 -32.45
C ASP A 239 -14.59 -13.50 -32.23
N ARG A 240 -15.23 -14.64 -31.97
CA ARG A 240 -14.48 -15.89 -31.83
C ARG A 240 -13.98 -16.32 -33.21
N PRO A 241 -12.68 -16.59 -33.36
CA PRO A 241 -12.16 -16.96 -34.69
C PRO A 241 -12.77 -18.22 -35.27
N VAL A 242 -13.19 -19.16 -34.44
CA VAL A 242 -13.73 -20.44 -34.90
C VAL A 242 -15.00 -20.73 -34.10
N HIS A 243 -16.02 -21.27 -34.79
CA HIS A 243 -17.29 -21.55 -34.14
C HIS A 243 -17.12 -22.62 -33.06
N ARG A 244 -16.71 -23.82 -33.46
CA ARG A 244 -16.29 -24.83 -32.50
C ARG A 244 -14.88 -24.50 -32.02
N ARG A 245 -14.35 -25.31 -31.13
CA ARG A 245 -12.99 -25.10 -30.63
C ARG A 245 -12.00 -25.98 -31.39
N LYS A 246 -11.95 -25.75 -32.70
CA LYS A 246 -10.83 -26.20 -33.53
C LYS A 246 -9.73 -25.16 -33.49
N LEU A 247 -9.34 -24.82 -32.28
CA LEU A 247 -8.55 -23.64 -31.97
C LEU A 247 -7.06 -23.94 -31.81
N ALA A 248 -6.68 -25.21 -31.67
CA ALA A 248 -5.28 -25.58 -31.52
C ALA A 248 -4.51 -25.59 -32.84
N GLN A 249 -5.21 -25.56 -33.97
CA GLN A 249 -4.58 -25.55 -35.28
C GLN A 249 -4.81 -24.23 -36.00
N LEU A 250 -4.86 -23.13 -35.24
CA LEU A 250 -5.17 -21.82 -35.82
C LEU A 250 -4.04 -21.31 -36.70
N GLU A 251 -2.79 -21.65 -36.38
CA GLU A 251 -1.67 -21.20 -37.20
C GLU A 251 -1.59 -21.95 -38.52
N LYS A 252 -2.33 -23.05 -38.66
CA LYS A 252 -2.47 -23.76 -39.92
C LYS A 252 -3.72 -23.37 -40.69
N LEU A 253 -4.51 -22.43 -40.19
CA LEU A 253 -5.84 -22.15 -40.72
C LEU A 253 -5.81 -20.96 -41.67
N GLN A 254 -6.55 -21.08 -42.77
CA GLN A 254 -6.70 -20.01 -43.74
C GLN A 254 -7.82 -19.06 -43.30
N ASP A 255 -8.08 -18.04 -44.10
CA ASP A 255 -9.13 -17.07 -43.78
C ASP A 255 -10.53 -17.57 -44.11
N GLU A 256 -10.66 -18.56 -44.99
CA GLU A 256 -11.97 -19.04 -45.39
C GLU A 256 -12.69 -19.75 -44.24
N GLU A 257 -11.98 -20.64 -43.54
CA GLU A 257 -12.60 -21.40 -42.46
C GLU A 257 -12.83 -20.55 -41.21
N LEU A 258 -12.17 -19.40 -41.10
CA LEU A 258 -12.47 -18.45 -40.04
C LEU A 258 -13.74 -17.68 -40.35
N ASP A 259 -14.35 -17.14 -39.30
CA ASP A 259 -15.49 -16.25 -39.49
C ASP A 259 -15.04 -14.99 -40.21
N PRO A 260 -15.75 -14.55 -41.25
CA PRO A 260 -15.30 -13.36 -41.99
C PRO A 260 -15.33 -12.08 -41.18
N GLU A 261 -16.18 -11.99 -40.15
CA GLU A 261 -16.19 -10.79 -39.32
C GLU A 261 -14.87 -10.58 -38.59
N PHE A 262 -14.27 -11.65 -38.07
CA PHE A 262 -12.96 -11.54 -37.43
C PHE A 262 -11.90 -11.05 -38.41
N VAL A 263 -11.92 -11.58 -39.64
CA VAL A 263 -10.96 -11.13 -40.66
C VAL A 263 -11.17 -9.66 -40.96
N GLN A 264 -12.43 -9.23 -41.07
CA GLN A 264 -12.73 -7.83 -41.33
C GLN A 264 -12.22 -6.93 -40.21
N GLN A 265 -12.46 -7.33 -38.96
CA GLN A 265 -12.01 -6.53 -37.82
C GLN A 265 -10.48 -6.49 -37.72
N VAL A 266 -9.83 -7.63 -37.99
CA VAL A 266 -8.37 -7.64 -37.93
C VAL A 266 -7.78 -6.82 -39.07
N ALA A 267 -8.43 -6.82 -40.24
CA ALA A 267 -7.97 -5.97 -41.34
C ALA A 267 -8.11 -4.50 -41.00
N ASP A 268 -9.24 -4.13 -40.39
CA ASP A 268 -9.44 -2.74 -39.97
C ASP A 268 -8.42 -2.33 -38.92
N PHE A 269 -8.14 -3.21 -37.95
CA PHE A 269 -7.16 -2.90 -36.93
C PHE A 269 -5.76 -2.76 -37.52
N CYS A 270 -5.39 -3.65 -38.44
CA CYS A 270 -4.10 -3.56 -39.10
C CYS A 270 -3.99 -2.28 -39.92
N SER A 271 -5.07 -1.92 -40.63
CA SER A 271 -5.07 -0.68 -41.40
C SER A 271 -4.92 0.54 -40.51
N TYR A 272 -5.62 0.54 -39.37
CA TYR A 272 -5.48 1.65 -38.41
C TYR A 272 -4.04 1.75 -37.92
N ILE A 273 -3.44 0.62 -37.55
CA ILE A 273 -2.07 0.62 -37.04
C ILE A 273 -1.12 1.16 -38.11
N PHE A 274 -1.22 0.64 -39.33
CA PHE A 274 -0.29 1.03 -40.39
C PHE A 274 -0.45 2.50 -40.76
N SER A 275 -1.68 3.01 -40.75
CA SER A 275 -1.94 4.37 -41.20
C SER A 275 -1.89 5.42 -40.10
N ASN A 276 -1.81 5.02 -38.82
CA ASN A 276 -1.81 6.00 -37.74
C ASN A 276 -0.67 5.86 -36.74
N SER A 277 0.01 4.72 -36.67
CA SER A 277 1.13 4.59 -35.75
C SER A 277 2.26 5.51 -36.16
N LYS A 278 2.83 6.23 -35.21
CA LYS A 278 3.88 7.20 -35.48
C LYS A 278 5.25 6.61 -35.20
N THR A 279 6.27 7.28 -35.71
CA THR A 279 7.64 6.93 -35.37
C THR A 279 7.89 7.21 -33.90
N LYS A 280 8.60 6.28 -33.24
CA LYS A 280 8.92 6.47 -31.83
C LYS A 280 9.81 7.70 -31.67
N THR A 281 9.42 8.59 -30.76
CA THR A 281 10.14 9.83 -30.52
C THR A 281 10.59 9.86 -29.06
N LEU A 282 11.87 10.16 -28.84
CA LEU A 282 12.40 10.38 -27.51
C LEU A 282 12.01 11.77 -27.02
N SER A 283 12.51 12.16 -25.86
CA SER A 283 12.29 13.50 -25.37
C SER A 283 13.02 14.51 -26.27
N GLY A 284 12.30 15.54 -26.70
CA GLY A 284 12.83 16.51 -27.64
C GLY A 284 12.49 16.26 -29.09
N GLY A 285 11.87 15.13 -29.41
CA GLY A 285 11.43 14.85 -30.76
C GLY A 285 12.38 14.01 -31.59
N ILE A 286 13.47 13.52 -31.00
CA ILE A 286 14.43 12.73 -31.76
C ILE A 286 13.83 11.40 -32.15
N GLN A 287 13.93 11.07 -33.44
CA GLN A 287 13.43 9.80 -33.93
C GLN A 287 14.33 8.65 -33.46
N VAL A 288 13.78 7.45 -33.43
CA VAL A 288 14.52 6.29 -32.96
C VAL A 288 15.10 5.53 -34.15
N ASN A 289 16.31 5.02 -33.97
CA ASN A 289 16.93 4.09 -34.90
C ASN A 289 17.44 2.86 -34.15
N GLY A 290 18.24 2.03 -34.82
CA GLY A 290 18.76 0.82 -34.23
C GLY A 290 19.56 1.05 -32.96
N PRO A 291 20.62 1.86 -33.04
CA PRO A 291 21.40 2.16 -31.83
C PRO A 291 20.58 2.80 -30.72
N ARG A 292 19.66 3.71 -31.06
CA ARG A 292 18.84 4.35 -30.04
C ARG A 292 17.91 3.35 -29.37
N LEU A 293 17.32 2.44 -30.13
CA LEU A 293 16.43 1.45 -29.54
C LEU A 293 17.19 0.48 -28.64
N GLU A 294 18.37 0.04 -29.08
CA GLU A 294 19.16 -0.85 -28.24
C GLU A 294 19.64 -0.14 -26.98
N SER A 295 19.98 1.15 -27.10
CA SER A 295 20.33 1.94 -25.93
C SER A 295 19.14 2.06 -24.97
N LEU A 296 17.95 2.30 -25.52
CA LEU A 296 16.75 2.37 -24.69
C LEU A 296 16.51 1.05 -23.96
N VAL A 297 16.62 -0.06 -24.69
CA VAL A 297 16.43 -1.38 -24.07
C VAL A 297 17.42 -1.58 -22.93
N LEU A 298 18.70 -1.28 -23.19
CA LEU A 298 19.73 -1.47 -22.18
C LEU A 298 19.46 -0.63 -20.95
N THR A 299 19.20 0.67 -21.12
CA THR A 299 19.05 1.54 -19.96
C THR A 299 17.82 1.20 -19.15
N TYR A 300 16.74 0.77 -19.81
CA TYR A 300 15.53 0.40 -19.08
C TYR A 300 15.71 -0.92 -18.36
N VAL A 301 16.43 -1.86 -18.96
CA VAL A 301 16.71 -3.14 -18.30
C VAL A 301 17.55 -2.90 -17.05
N ASN A 302 18.59 -2.07 -17.18
CA ASN A 302 19.40 -1.76 -16.01
C ASN A 302 18.62 -0.92 -15.01
N ALA A 303 17.69 -0.08 -15.47
CA ALA A 303 16.85 0.68 -14.55
C ALA A 303 15.98 -0.25 -13.70
N ILE A 304 15.42 -1.28 -14.33
CA ILE A 304 14.62 -2.26 -13.60
C ILE A 304 15.49 -3.09 -12.65
N SER A 305 16.66 -3.54 -13.12
CA SER A 305 17.51 -4.44 -12.34
C SER A 305 18.68 -3.74 -11.64
N SER A 306 18.51 -2.49 -11.23
CA SER A 306 19.57 -1.75 -10.54
C SER A 306 19.05 -1.21 -9.21
N GLY A 307 18.36 -2.06 -8.45
CA GLY A 307 17.88 -1.65 -7.15
C GLY A 307 16.82 -0.59 -7.18
N ASP A 308 16.16 -0.38 -8.32
CA ASP A 308 15.11 0.62 -8.47
C ASP A 308 13.72 0.00 -8.48
N LEU A 309 13.49 -0.98 -7.61
CA LEU A 309 12.21 -1.70 -7.52
C LEU A 309 11.58 -1.45 -6.15
N PRO A 310 11.06 -0.25 -5.89
CA PRO A 310 10.33 -0.02 -4.65
C PRO A 310 8.83 -0.24 -4.75
N CYS A 311 8.30 -0.34 -5.96
CA CYS A 311 6.86 -0.47 -6.18
C CYS A 311 6.50 -1.94 -6.34
N MET A 312 5.59 -2.42 -5.51
CA MET A 312 5.17 -3.81 -5.54
C MET A 312 3.69 -3.90 -5.21
N GLU A 313 3.05 -4.94 -5.75
CA GLU A 313 1.66 -5.22 -5.43
C GLU A 313 1.40 -6.70 -5.23
N ASN A 314 2.45 -7.52 -5.09
CA ASN A 314 2.26 -8.92 -4.76
C ASN A 314 1.69 -9.05 -3.36
N ALA A 315 0.75 -10.00 -3.20
CA ALA A 315 0.07 -10.22 -1.92
C ALA A 315 -0.58 -8.93 -1.42
N VAL A 316 -1.59 -8.49 -2.18
CA VAL A 316 -2.29 -7.26 -1.85
C VAL A 316 -2.88 -7.30 -0.45
N LEU A 317 -3.14 -8.50 0.08
CA LEU A 317 -3.57 -8.60 1.47
C LEU A 317 -2.49 -8.14 2.43
N ALA A 318 -1.22 -8.37 2.09
CA ALA A 318 -0.14 -7.87 2.94
C ALA A 318 -0.17 -6.35 3.01
N LEU A 319 -0.44 -5.69 1.88
CA LEU A 319 -0.56 -4.24 1.90
C LEU A 319 -1.80 -3.79 2.67
N ALA A 320 -2.89 -4.55 2.59
CA ALA A 320 -4.04 -4.27 3.42
C ALA A 320 -3.72 -4.51 4.89
N GLN A 321 -2.81 -5.44 5.18
CA GLN A 321 -2.32 -5.60 6.55
C GLN A 321 -1.53 -4.38 6.99
N ILE A 322 -0.74 -3.78 6.08
CA ILE A 322 0.03 -2.59 6.43
C ILE A 322 -0.87 -1.43 6.85
N GLU A 323 -2.18 -1.54 6.62
CA GLU A 323 -3.11 -0.60 7.23
C GLU A 323 -3.21 -0.77 8.74
N ASN A 324 -2.62 -1.83 9.30
CA ASN A 324 -2.39 -1.86 10.74
C ASN A 324 -1.46 -0.73 11.18
N SER A 325 -0.68 -0.15 10.25
CA SER A 325 0.04 1.08 10.55
C SER A 325 -0.92 2.23 10.77
N ALA A 326 -1.97 2.32 9.97
CA ALA A 326 -3.01 3.30 10.23
C ALA A 326 -3.69 3.03 11.56
N ALA A 327 -3.89 1.75 11.88
CA ALA A 327 -4.42 1.38 13.20
C ALA A 327 -3.45 1.81 14.29
N VAL A 328 -2.14 1.69 14.04
CA VAL A 328 -1.14 2.14 14.99
C VAL A 328 -1.25 3.65 15.20
N GLN A 329 -1.43 4.40 14.11
CA GLN A 329 -1.61 5.84 14.23
C GLN A 329 -2.87 6.18 15.01
N LYS A 330 -3.95 5.42 14.79
CA LYS A 330 -5.17 5.63 15.56
C LYS A 330 -4.94 5.37 17.04
N ALA A 331 -4.24 4.28 17.37
CA ALA A 331 -3.93 3.99 18.76
C ALA A 331 -3.05 5.05 19.37
N ILE A 332 -2.08 5.55 18.60
CA ILE A 332 -1.20 6.61 19.09
C ILE A 332 -1.99 7.90 19.30
N ALA A 333 -2.95 8.19 18.42
CA ALA A 333 -3.80 9.35 18.61
C ALA A 333 -4.63 9.23 19.87
N HIS A 334 -5.21 8.05 20.11
CA HIS A 334 -5.97 7.83 21.35
C HIS A 334 -5.07 7.96 22.56
N TYR A 335 -3.85 7.41 22.49
CA TYR A 335 -2.92 7.48 23.60
C TYR A 335 -2.51 8.91 23.90
N GLU A 336 -2.19 9.70 22.86
CA GLU A 336 -1.80 11.09 23.08
C GLU A 336 -2.97 11.94 23.57
N GLN A 337 -4.18 11.64 23.10
CA GLN A 337 -5.36 12.34 23.62
C GLN A 337 -5.55 12.04 25.11
N GLN A 338 -5.36 10.79 25.51
CA GLN A 338 -5.48 10.44 26.92
C GLN A 338 -4.41 11.13 27.75
N MET A 339 -3.18 11.20 27.25
CA MET A 339 -2.13 11.94 27.95
C MET A 339 -2.49 13.41 28.08
N GLY A 340 -3.05 14.00 27.02
CA GLY A 340 -3.43 15.40 27.08
C GLY A 340 -4.57 15.68 28.03
N GLN A 341 -5.49 14.73 28.18
CA GLN A 341 -6.70 14.93 28.99
C GLN A 341 -6.61 14.31 30.38
N LYS A 342 -6.10 13.08 30.50
CA LYS A 342 -6.11 12.40 31.80
C LYS A 342 -5.05 12.97 32.73
N VAL A 343 -3.79 12.91 32.31
CA VAL A 343 -2.67 13.33 33.15
C VAL A 343 -2.29 14.77 32.80
N GLN A 344 -1.88 15.53 33.81
CA GLN A 344 -1.36 16.86 33.61
C GLN A 344 0.13 16.79 33.29
N LEU A 345 0.62 17.81 32.58
CA LEU A 345 1.93 17.70 31.92
C LEU A 345 3.07 17.42 32.90
N PRO A 346 3.24 18.15 34.01
CA PRO A 346 4.28 17.73 35.00
C PRO A 346 3.73 16.75 36.03
N THR A 347 3.67 15.48 35.63
CA THR A 347 3.05 14.45 36.44
C THR A 347 3.81 14.24 37.76
N GLU A 348 3.20 13.46 38.65
CA GLU A 348 3.72 13.28 40.00
C GLU A 348 4.85 12.27 39.98
N THR A 349 6.06 12.74 40.29
CA THR A 349 7.26 11.92 40.39
C THR A 349 7.43 11.06 39.15
N LEU A 350 7.90 9.81 39.32
CA LEU A 350 8.05 8.90 38.20
C LEU A 350 7.27 7.61 38.34
N GLN A 351 7.03 7.13 39.58
CA GLN A 351 6.28 5.90 39.76
C GLN A 351 4.84 6.06 39.30
N GLU A 352 4.20 7.18 39.65
CA GLU A 352 2.84 7.44 39.19
C GLU A 352 2.80 7.55 37.67
N LEU A 353 3.79 8.21 37.07
CA LEU A 353 3.88 8.29 35.62
C LEU A 353 3.91 6.89 35.00
N LEU A 354 4.76 6.01 35.54
CA LEU A 354 4.92 4.68 34.97
C LEU A 354 3.65 3.85 35.12
N ASP A 355 2.98 3.95 36.28
CA ASP A 355 1.76 3.18 36.48
C ASP A 355 0.64 3.67 35.57
N LEU A 356 0.43 4.99 35.49
CA LEU A 356 -0.60 5.51 34.59
C LEU A 356 -0.25 5.22 33.13
N HIS A 357 1.04 5.24 32.79
CA HIS A 357 1.45 4.92 31.43
C HIS A 357 1.19 3.46 31.11
N ARG A 358 1.42 2.56 32.07
CA ARG A 358 1.14 1.15 31.86
C ARG A 358 -0.35 0.92 31.66
N ASP A 359 -1.19 1.58 32.45
CA ASP A 359 -2.63 1.45 32.28
C ASP A 359 -3.06 1.98 30.92
N SER A 360 -2.52 3.14 30.52
CA SER A 360 -2.86 3.69 29.21
C SER A 360 -2.37 2.81 28.08
N GLU A 361 -1.21 2.16 28.27
CA GLU A 361 -0.72 1.24 27.25
C GLU A 361 -1.59 0.00 27.17
N ARG A 362 -2.14 -0.45 28.29
CA ARG A 362 -3.11 -1.53 28.27
C ARG A 362 -4.36 -1.13 27.50
N GLU A 363 -4.83 0.11 27.72
CA GLU A 363 -5.95 0.61 26.94
C GLU A 363 -5.60 0.70 25.46
N ALA A 364 -4.38 1.16 25.16
CA ALA A 364 -3.96 1.26 23.76
C ALA A 364 -3.88 -0.12 23.11
N ILE A 365 -3.37 -1.12 23.84
CA ILE A 365 -3.22 -2.45 23.26
C ILE A 365 -4.57 -3.14 23.08
N GLU A 366 -5.52 -2.91 23.99
CA GLU A 366 -6.85 -3.47 23.78
C GLU A 366 -7.55 -2.80 22.60
N VAL A 367 -7.34 -1.50 22.42
CA VAL A 367 -7.83 -0.83 21.23
C VAL A 367 -7.19 -1.42 19.98
N PHE A 368 -5.88 -1.71 20.05
CA PHE A 368 -5.17 -2.26 18.90
C PHE A 368 -5.72 -3.63 18.50
N ILE A 369 -5.95 -4.51 19.48
CA ILE A 369 -6.44 -5.84 19.15
C ILE A 369 -7.89 -5.77 18.68
N ARG A 370 -8.67 -4.82 19.21
CA ARG A 370 -10.03 -4.65 18.75
C ARG A 370 -10.07 -4.18 17.29
N SER A 371 -9.16 -3.29 16.92
CA SER A 371 -9.17 -2.73 15.57
C SER A 371 -8.50 -3.66 14.57
N SER A 372 -7.27 -4.07 14.84
CA SER A 372 -6.49 -4.87 13.89
C SER A 372 -6.92 -6.33 13.94
N PHE A 373 -6.16 -7.18 13.29
CA PHE A 373 -6.45 -8.61 13.17
C PHE A 373 -5.21 -9.31 12.64
N LYS A 374 -5.07 -10.60 13.01
CA LYS A 374 -4.18 -11.54 12.33
C LYS A 374 -2.82 -10.94 12.04
N ASP A 375 -2.11 -10.59 13.12
CA ASP A 375 -0.77 -10.05 12.96
C ASP A 375 0.21 -11.15 12.57
N VAL A 376 1.00 -10.89 11.53
CA VAL A 376 1.94 -11.88 11.03
C VAL A 376 3.07 -12.03 12.03
N ASP A 377 3.05 -13.13 12.79
CA ASP A 377 4.04 -13.40 13.84
C ASP A 377 4.13 -12.25 14.84
N HIS A 378 3.03 -11.51 15.00
CA HIS A 378 2.96 -10.35 15.89
C HIS A 378 4.04 -9.31 15.55
N LEU A 379 4.41 -9.23 14.27
CA LEU A 379 5.41 -8.26 13.85
C LEU A 379 4.92 -6.83 14.07
N PHE A 380 3.68 -6.55 13.64
CA PHE A 380 3.12 -5.22 13.88
C PHE A 380 2.84 -5.00 15.36
N GLN A 381 2.55 -6.07 16.10
CA GLN A 381 2.38 -5.95 17.55
C GLN A 381 3.66 -5.45 18.21
N LYS A 382 4.80 -6.09 17.89
CA LYS A 382 6.06 -5.68 18.48
C LYS A 382 6.54 -4.33 17.95
N GLU A 383 6.18 -3.99 16.70
CA GLU A 383 6.53 -2.67 16.19
C GLU A 383 5.72 -1.58 16.87
N LEU A 384 4.45 -1.85 17.19
CA LEU A 384 3.67 -0.91 17.99
C LEU A 384 4.25 -0.81 19.40
N ALA A 385 4.70 -1.93 19.96
CA ALA A 385 5.34 -1.89 21.27
C ALA A 385 6.60 -1.03 21.25
N ALA A 386 7.41 -1.17 20.20
CA ALA A 386 8.61 -0.34 20.09
C ALA A 386 8.25 1.12 19.85
N GLN A 387 7.20 1.37 19.05
CA GLN A 387 6.77 2.75 18.81
C GLN A 387 6.28 3.40 20.10
N LEU A 388 5.51 2.65 20.91
CA LEU A 388 5.06 3.19 22.18
C LEU A 388 6.20 3.30 23.17
N GLU A 389 7.21 2.45 23.06
CA GLU A 389 8.41 2.59 23.88
C GLU A 389 9.15 3.87 23.53
N LYS A 390 9.31 4.15 22.23
CA LYS A 390 9.92 5.40 21.81
C LYS A 390 9.07 6.60 22.22
N LYS A 391 7.75 6.45 22.15
CA LYS A 391 6.86 7.51 22.61
C LYS A 391 6.96 7.73 24.11
N ARG A 392 7.16 6.64 24.88
CA ARG A 392 7.41 6.79 26.30
C ARG A 392 8.71 7.55 26.55
N ASP A 393 9.73 7.28 25.74
CA ASP A 393 10.97 8.05 25.84
C ASP A 393 10.73 9.52 25.50
N ASP A 394 9.92 9.79 24.47
CA ASP A 394 9.64 11.16 24.09
C ASP A 394 8.89 11.89 25.20
N PHE A 395 7.85 11.25 25.75
CA PHE A 395 7.16 11.83 26.90
C PHE A 395 8.07 11.91 28.12
N CYS A 396 9.08 11.05 28.20
CA CYS A 396 10.02 11.12 29.31
C CYS A 396 10.87 12.38 29.24
N LYS A 397 11.45 12.67 28.07
CA LYS A 397 12.20 13.92 27.93
C LYS A 397 11.27 15.13 27.97
N GLN A 398 10.02 14.98 27.51
CA GLN A 398 9.05 16.06 27.65
C GLN A 398 8.79 16.36 29.11
N ASN A 399 8.62 15.31 29.94
CA ASN A 399 8.47 15.51 31.37
C ASN A 399 9.75 16.04 32.00
N GLN A 400 10.90 15.64 31.46
CA GLN A 400 12.17 16.18 31.95
C GLN A 400 12.24 17.69 31.76
N GLU A 401 11.95 18.15 30.54
CA GLU A 401 11.94 19.59 30.27
C GLU A 401 10.84 20.28 31.07
N ALA A 402 9.68 19.64 31.18
CA ALA A 402 8.57 20.22 31.93
C ALA A 402 8.94 20.40 33.40
N SER A 403 9.54 19.37 34.00
CA SER A 403 10.01 19.50 35.37
C SER A 403 11.09 20.55 35.50
N SER A 404 12.03 20.58 34.54
CA SER A 404 13.04 21.63 34.54
C SER A 404 12.41 23.02 34.59
N ASP A 405 11.49 23.28 33.65
CA ASP A 405 10.84 24.59 33.59
C ASP A 405 10.06 24.87 34.88
N ARG A 406 9.32 23.88 35.36
CA ARG A 406 8.40 24.11 36.48
C ARG A 406 9.16 24.32 37.78
N CYS A 407 10.08 23.42 38.11
CA CYS A 407 10.85 23.59 39.34
C CYS A 407 11.75 24.82 39.27
N SER A 408 12.26 25.17 38.09
CA SER A 408 12.99 26.41 37.95
C SER A 408 12.10 27.61 38.25
N ALA A 409 10.89 27.61 37.72
CA ALA A 409 9.95 28.70 37.99
C ALA A 409 9.65 28.81 39.47
N LEU A 410 9.42 27.68 40.14
CA LEU A 410 9.10 27.71 41.56
C LEU A 410 10.28 28.21 42.38
N LEU A 411 11.48 27.69 42.08
CA LEU A 411 12.67 28.09 42.86
C LEU A 411 12.89 29.59 42.64
N GLN A 412 12.77 30.07 41.39
CA GLN A 412 13.04 31.47 41.13
C GLN A 412 12.00 32.37 41.79
N VAL A 413 10.74 31.95 41.80
CA VAL A 413 9.69 32.76 42.40
C VAL A 413 9.73 32.73 43.92
N ILE A 414 10.39 31.73 44.52
CA ILE A 414 10.49 31.62 45.97
C ILE A 414 11.91 31.83 46.49
N PHE A 415 12.88 32.14 45.62
CA PHE A 415 14.27 32.31 46.04
C PHE A 415 14.86 33.65 45.61
N SER A 416 14.36 34.22 44.51
CA SER A 416 14.97 35.43 43.97
C SER A 416 14.98 36.60 44.95
N PRO A 417 13.91 36.92 45.68
CA PRO A 417 14.06 37.99 46.68
C PRO A 417 15.11 37.67 47.73
N LEU A 418 15.20 36.40 48.13
CA LEU A 418 16.17 35.99 49.12
C LEU A 418 17.60 36.12 48.59
N GLU A 419 17.84 35.67 47.35
CA GLU A 419 19.17 35.76 46.78
C GLU A 419 19.54 37.20 46.47
N GLU A 420 18.55 38.06 46.21
CA GLU A 420 18.83 39.47 46.00
C GLU A 420 19.18 40.17 47.31
N GLU A 421 18.44 39.88 48.38
CA GLU A 421 18.70 40.52 49.67
C GLU A 421 19.92 39.95 50.38
N VAL A 422 20.37 38.75 50.00
CA VAL A 422 21.60 38.23 50.59
C VAL A 422 22.83 38.72 49.85
N LYS A 423 22.71 39.01 48.55
CA LYS A 423 23.82 39.61 47.81
C LYS A 423 24.09 41.04 48.30
N ALA A 424 23.04 41.79 48.59
CA ALA A 424 23.15 43.15 49.13
C ALA A 424 22.15 43.28 50.28
N GLY A 425 22.64 43.06 51.50
CA GLY A 425 21.77 43.12 52.66
C GLY A 425 22.52 43.21 53.98
N ILE A 426 22.03 42.49 55.00
CA ILE A 426 22.58 42.56 56.34
C ILE A 426 23.23 41.24 56.71
N TYR A 427 23.71 40.50 55.69
CA TYR A 427 24.36 39.22 55.92
C TYR A 427 25.88 39.34 56.04
N SER A 428 26.43 40.54 55.84
CA SER A 428 27.87 40.71 55.98
C SER A 428 28.30 40.73 57.45
N LYS A 429 27.44 41.22 58.33
CA LYS A 429 27.75 41.25 59.75
C LYS A 429 27.83 39.84 60.31
N PRO A 430 28.66 39.62 61.32
CA PRO A 430 28.75 38.28 61.92
C PRO A 430 27.40 37.82 62.46
N GLY A 431 27.11 36.53 62.24
CA GLY A 431 25.82 35.98 62.59
C GLY A 431 24.74 36.15 61.54
N GLY A 432 25.06 36.82 60.43
CA GLY A 432 24.07 36.98 59.38
C GLY A 432 23.68 35.66 58.74
N TYR A 433 24.65 34.78 58.53
CA TYR A 433 24.36 33.47 57.96
C TYR A 433 23.65 32.53 58.93
N ARG A 434 23.54 32.91 60.21
CA ARG A 434 22.82 32.07 61.17
C ARG A 434 21.34 32.03 60.89
N LEU A 435 20.83 32.91 60.03
CA LEU A 435 19.45 32.84 59.55
C LEU A 435 19.35 32.07 58.25
N PHE A 436 20.38 32.15 57.40
CA PHE A 436 20.36 31.41 56.14
C PHE A 436 20.54 29.91 56.36
N VAL A 437 21.34 29.53 57.36
CA VAL A 437 21.75 28.13 57.51
C VAL A 437 20.55 27.22 57.74
N GLN A 438 19.45 27.75 58.28
CA GLN A 438 18.22 26.99 58.36
C GLN A 438 17.21 27.36 57.27
N LYS A 439 17.33 28.55 56.68
CA LYS A 439 16.32 29.00 55.72
C LYS A 439 16.45 28.26 54.38
N LEU A 440 17.65 27.83 54.01
CA LEU A 440 17.79 27.13 52.73
C LEU A 440 17.05 25.80 52.74
N GLN A 441 17.22 25.01 53.81
CA GLN A 441 16.47 23.76 53.91
C GLN A 441 15.01 24.01 54.27
N ASP A 442 14.70 25.16 54.88
CA ASP A 442 13.31 25.56 55.04
C ASP A 442 12.65 25.73 53.69
N LEU A 443 13.33 26.43 52.77
CA LEU A 443 12.80 26.59 51.42
C LEU A 443 12.71 25.24 50.71
N LYS A 444 13.73 24.40 50.89
CA LYS A 444 13.73 23.08 50.26
C LYS A 444 12.57 22.23 50.78
N LYS A 445 12.31 22.28 52.09
CA LYS A 445 11.21 21.50 52.64
C LYS A 445 9.85 22.07 52.24
N LYS A 446 9.74 23.40 52.12
CA LYS A 446 8.49 23.96 51.66
C LYS A 446 8.21 23.60 50.20
N TYR A 447 9.27 23.48 49.38
CA TYR A 447 9.09 22.93 48.04
C TYR A 447 8.69 21.47 48.12
N TYR A 448 9.30 20.71 49.03
CA TYR A 448 8.95 19.30 49.21
C TYR A 448 7.46 19.15 49.51
N GLU A 449 6.92 20.05 50.33
CA GLU A 449 5.48 20.06 50.58
C GLU A 449 4.70 20.55 49.36
N GLU A 450 5.31 21.40 48.54
CA GLU A 450 4.65 21.84 47.31
C GLU A 450 4.50 20.67 46.35
N PRO A 451 3.31 20.45 45.80
CA PRO A 451 3.08 19.26 44.97
C PRO A 451 3.54 19.48 43.53
N ARG A 452 3.31 18.45 42.72
CA ARG A 452 3.57 18.47 41.28
C ARG A 452 5.04 18.80 40.98
N LYS A 453 5.89 17.85 41.38
CA LYS A 453 7.33 18.02 41.27
C LYS A 453 7.83 17.67 39.86
N GLY A 454 7.64 16.43 39.45
CA GLY A 454 8.36 15.86 38.33
C GLY A 454 9.44 14.90 38.78
N ILE A 455 9.98 14.14 37.83
CA ILE A 455 10.94 13.11 38.16
C ILE A 455 12.26 13.73 38.65
N GLN A 456 12.67 14.84 38.04
CA GLN A 456 13.90 15.52 38.44
C GLN A 456 13.58 16.73 39.33
N ALA A 457 13.10 16.44 40.53
CA ALA A 457 12.91 17.47 41.54
C ALA A 457 14.10 17.55 42.48
N GLU A 458 14.40 16.46 43.18
CA GLU A 458 15.54 16.44 44.09
C GLU A 458 16.85 16.65 43.34
N GLU A 459 16.97 16.07 42.14
CA GLU A 459 18.19 16.25 41.35
C GLU A 459 18.39 17.70 40.95
N ILE A 460 17.32 18.37 40.51
CA ILE A 460 17.44 19.76 40.06
C ILE A 460 17.78 20.67 41.23
N LEU A 461 17.19 20.42 42.40
CA LEU A 461 17.56 21.17 43.59
C LEU A 461 19.01 20.92 43.96
N GLN A 462 19.50 19.69 43.77
CA GLN A 462 20.90 19.39 44.04
C GLN A 462 21.82 20.15 43.09
N THR A 463 21.47 20.23 41.80
CA THR A 463 22.27 21.03 40.86
C THR A 463 22.24 22.50 41.25
N TYR A 464 21.08 23.00 41.69
CA TYR A 464 21.02 24.38 42.14
C TYR A 464 21.92 24.61 43.35
N LEU A 465 21.95 23.65 44.28
CA LEU A 465 22.83 23.77 45.44
C LEU A 465 24.30 23.75 45.01
N LYS A 466 24.66 22.82 44.13
CA LYS A 466 26.05 22.74 43.66
C LYS A 466 26.43 23.91 42.77
N SER A 467 25.45 24.65 42.25
CA SER A 467 25.70 25.92 41.58
C SER A 467 25.57 27.12 42.51
N LYS A 468 25.14 26.92 43.76
CA LYS A 468 24.88 28.01 44.69
C LYS A 468 25.58 27.77 46.02
N GLU A 469 26.85 27.36 45.97
CA GLU A 469 27.75 27.60 47.09
C GLU A 469 28.61 28.83 46.87
N SER A 470 28.50 29.44 45.67
CA SER A 470 29.25 30.66 45.38
C SER A 470 28.83 31.81 46.29
N MET A 471 27.52 31.96 46.49
CA MET A 471 27.00 32.98 47.40
C MET A 471 26.89 32.48 48.84
N THR A 472 27.47 31.32 49.15
CA THR A 472 27.64 30.88 50.53
C THR A 472 29.06 31.08 51.02
N ASP A 473 30.04 30.49 50.33
CA ASP A 473 31.40 30.43 50.86
C ASP A 473 32.04 31.81 50.92
N ALA A 474 31.79 32.66 49.92
CA ALA A 474 32.44 33.97 49.87
C ALA A 474 32.07 34.81 51.09
N ILE A 475 30.77 34.94 51.36
CA ILE A 475 30.33 35.71 52.52
C ILE A 475 30.56 34.94 53.82
N LEU A 476 30.67 33.62 53.77
CA LEU A 476 31.09 32.87 54.95
C LEU A 476 32.50 33.26 55.37
N GLN A 477 33.42 33.36 54.40
CA GLN A 477 34.76 33.83 54.70
C GLN A 477 34.76 35.31 55.06
N THR A 478 33.88 36.10 54.44
CA THR A 478 33.77 37.51 54.77
C THR A 478 33.36 37.71 56.23
N ASP A 479 32.44 36.86 56.72
CA ASP A 479 32.03 36.96 58.11
C ASP A 479 33.21 36.73 59.06
N GLN A 480 34.17 35.88 58.67
CA GLN A 480 35.35 35.66 59.50
C GLN A 480 36.15 36.95 59.66
N THR A 481 36.30 37.71 58.58
CA THR A 481 36.99 38.99 58.66
C THR A 481 36.23 39.98 59.55
N LEU A 482 34.90 39.96 59.46
CA LEU A 482 34.08 40.87 60.26
C LEU A 482 34.25 40.59 61.75
N THR A 483 34.33 39.32 62.13
CA THR A 483 34.53 38.95 63.53
C THR A 483 35.87 39.44 64.05
N HIS B 6 -42.93 -23.08 -3.54
CA HIS B 6 -42.63 -22.14 -2.47
C HIS B 6 -42.56 -20.71 -2.99
N MET B 7 -41.40 -20.31 -3.48
CA MET B 7 -41.17 -18.96 -3.99
C MET B 7 -41.27 -18.97 -5.50
N THR B 8 -42.23 -18.20 -6.04
CA THR B 8 -42.38 -18.10 -7.49
C THR B 8 -41.28 -17.26 -8.12
N GLY B 9 -40.81 -16.23 -7.42
CA GLY B 9 -39.78 -15.37 -7.95
C GLY B 9 -38.83 -14.87 -6.89
N PRO B 10 -37.61 -14.51 -7.30
CA PRO B 10 -36.62 -14.03 -6.33
C PRO B 10 -36.77 -12.54 -6.07
N MET B 11 -36.46 -12.16 -4.83
CA MET B 11 -36.58 -10.78 -4.38
C MET B 11 -35.29 -10.35 -3.70
N CYS B 12 -35.02 -9.05 -3.78
CA CYS B 12 -33.74 -8.53 -3.29
C CYS B 12 -33.64 -8.68 -1.79
N LEU B 13 -32.51 -9.22 -1.33
CA LEU B 13 -32.26 -9.39 0.10
C LEU B 13 -31.51 -8.20 0.69
N ILE B 14 -30.47 -7.74 0.00
CA ILE B 14 -29.68 -6.59 0.45
C ILE B 14 -29.57 -5.62 -0.72
N GLU B 15 -29.89 -4.36 -0.47
CA GLU B 15 -29.83 -3.33 -1.49
C GLU B 15 -28.45 -2.69 -1.55
N ASN B 16 -28.18 -2.02 -2.66
CA ASN B 16 -26.92 -1.30 -2.88
C ASN B 16 -27.24 0.01 -3.58
N THR B 17 -27.32 1.10 -2.82
CA THR B 17 -27.62 2.42 -3.34
C THR B 17 -26.48 3.36 -2.98
N ASN B 18 -25.67 3.74 -3.98
CA ASN B 18 -24.57 4.69 -3.79
C ASN B 18 -23.59 4.21 -2.73
N GLY B 19 -23.31 2.91 -2.73
CA GLY B 19 -22.30 2.33 -1.86
C GLY B 19 -22.77 1.97 -0.46
N ARG B 20 -24.07 2.05 -0.18
CA ARG B 20 -24.60 1.64 1.11
C ARG B 20 -25.25 0.26 0.98
N LEU B 21 -25.19 -0.50 2.07
CA LEU B 21 -25.83 -1.80 2.14
C LEU B 21 -26.84 -1.81 3.28
N MET B 22 -28.09 -2.15 2.95
CA MET B 22 -29.17 -2.19 3.93
C MET B 22 -29.99 -3.45 3.70
N ALA B 23 -30.26 -4.18 4.79
CA ALA B 23 -31.09 -5.37 4.68
C ALA B 23 -32.51 -4.99 4.27
N ASN B 24 -33.08 -5.79 3.37
CA ASN B 24 -34.41 -5.49 2.84
C ASN B 24 -35.47 -6.06 3.77
N PRO B 25 -36.31 -5.24 4.39
CA PRO B 25 -37.32 -5.77 5.31
C PRO B 25 -38.30 -6.71 4.64
N GLU B 26 -38.65 -6.47 3.38
CA GLU B 26 -39.57 -7.36 2.68
C GLU B 26 -38.97 -8.74 2.46
N ALA B 27 -37.65 -8.83 2.28
CA ALA B 27 -37.00 -10.13 2.18
C ALA B 27 -36.82 -10.76 3.56
N LEU B 28 -36.56 -9.94 4.58
CA LEU B 28 -36.43 -10.45 5.94
C LEU B 28 -37.74 -11.06 6.43
N LYS B 29 -38.86 -10.45 6.04
CA LYS B 29 -40.17 -10.98 6.46
C LYS B 29 -40.39 -12.39 5.92
N ILE B 30 -40.05 -12.62 4.65
CA ILE B 30 -40.21 -13.95 4.06
C ILE B 30 -39.18 -14.91 4.65
N LEU B 31 -37.95 -14.45 4.84
CA LEU B 31 -36.89 -15.30 5.36
C LEU B 31 -37.22 -15.81 6.76
N SER B 32 -37.81 -14.95 7.59
CA SER B 32 -38.19 -15.34 8.94
C SER B 32 -39.28 -16.41 8.96
N ALA B 33 -40.01 -16.59 7.86
CA ALA B 33 -41.12 -17.53 7.82
C ALA B 33 -40.70 -18.96 7.49
N ILE B 34 -39.41 -19.21 7.31
CA ILE B 34 -38.90 -20.54 7.02
C ILE B 34 -38.25 -21.09 8.27
N THR B 35 -38.63 -22.32 8.66
CA THR B 35 -38.14 -22.92 9.89
C THR B 35 -37.14 -24.04 9.66
N GLN B 36 -37.15 -24.67 8.49
CA GLN B 36 -36.27 -25.80 8.24
C GLN B 36 -34.82 -25.34 8.13
N PRO B 37 -33.86 -26.18 8.52
CA PRO B 37 -32.46 -25.92 8.16
C PRO B 37 -32.30 -25.82 6.65
N MET B 38 -31.39 -24.97 6.22
CA MET B 38 -31.27 -24.57 4.82
C MET B 38 -29.92 -25.00 4.26
N VAL B 39 -29.86 -25.09 2.94
CA VAL B 39 -28.62 -25.21 2.19
C VAL B 39 -28.48 -23.98 1.31
N VAL B 40 -27.41 -23.22 1.50
CA VAL B 40 -27.21 -21.94 0.83
C VAL B 40 -26.13 -22.11 -0.23
N VAL B 41 -26.40 -21.61 -1.44
CA VAL B 41 -25.46 -21.64 -2.55
C VAL B 41 -25.33 -20.22 -3.09
N ALA B 42 -24.20 -19.57 -2.80
CA ALA B 42 -23.93 -18.23 -3.29
C ALA B 42 -23.26 -18.31 -4.67
N ILE B 43 -22.79 -17.17 -5.16
CA ILE B 43 -21.96 -17.09 -6.35
C ILE B 43 -21.32 -15.71 -6.40
N VAL B 44 -20.12 -15.61 -6.98
CA VAL B 44 -19.50 -14.34 -7.32
C VAL B 44 -18.82 -14.52 -8.67
N GLY B 45 -18.49 -13.40 -9.30
CA GLY B 45 -17.78 -13.43 -10.56
C GLY B 45 -17.77 -12.06 -11.20
N LEU B 46 -16.90 -11.93 -12.20
CA LEU B 46 -16.77 -10.62 -12.88
C LEU B 46 -18.12 -10.24 -13.47
N TYR B 47 -18.26 -8.98 -13.84
CA TYR B 47 -19.54 -8.48 -14.35
C TYR B 47 -19.71 -8.85 -15.82
N ARG B 48 -20.96 -9.15 -16.19
CA ARG B 48 -21.32 -9.74 -17.48
C ARG B 48 -20.52 -11.03 -17.75
N THR B 49 -20.79 -12.04 -16.92
CA THR B 49 -20.19 -13.36 -17.10
C THR B 49 -21.22 -14.48 -17.17
N GLY B 50 -22.49 -14.22 -16.89
CA GLY B 50 -23.50 -15.25 -16.93
C GLY B 50 -23.84 -15.86 -15.58
N LYS B 51 -23.54 -15.18 -14.47
CA LYS B 51 -23.84 -15.71 -13.15
C LYS B 51 -25.33 -15.96 -12.98
N SER B 52 -26.16 -14.99 -13.35
CA SER B 52 -27.61 -15.15 -13.21
C SER B 52 -28.12 -16.27 -14.09
N TYR B 53 -27.58 -16.39 -15.31
CA TYR B 53 -27.96 -17.49 -16.18
C TYR B 53 -27.63 -18.84 -15.54
N LEU B 54 -26.49 -18.91 -14.84
CA LEU B 54 -26.09 -20.17 -14.23
C LEU B 54 -26.97 -20.53 -13.03
N MET B 55 -27.25 -19.55 -12.17
CA MET B 55 -28.10 -19.83 -11.02
C MET B 55 -29.56 -20.02 -11.40
N ASN B 56 -29.95 -19.68 -12.64
CA ASN B 56 -31.22 -20.15 -13.16
C ASN B 56 -31.25 -21.67 -13.29
N LYS B 57 -30.14 -22.25 -13.75
CA LYS B 57 -30.06 -23.71 -13.84
C LYS B 57 -30.00 -24.36 -12.48
N LEU B 58 -29.42 -23.69 -11.47
CA LEU B 58 -29.45 -24.22 -10.12
C LEU B 58 -30.88 -24.37 -9.60
N ALA B 59 -31.71 -23.36 -9.82
CA ALA B 59 -33.14 -23.49 -9.52
C ALA B 59 -33.84 -24.42 -10.49
N GLY B 60 -33.27 -24.66 -11.67
CA GLY B 60 -33.87 -25.58 -12.62
C GLY B 60 -35.14 -25.07 -13.25
N LYS B 61 -35.38 -23.75 -13.20
CA LYS B 61 -36.56 -23.13 -13.78
C LYS B 61 -36.14 -22.09 -14.80
N LYS B 62 -36.70 -22.19 -16.00
CA LYS B 62 -36.55 -21.10 -16.97
C LYS B 62 -37.30 -19.88 -16.45
N LYS B 63 -36.70 -18.70 -16.67
CA LYS B 63 -37.17 -17.43 -16.12
C LYS B 63 -36.87 -17.39 -14.62
N GLY B 64 -36.23 -16.32 -14.17
CA GLY B 64 -35.73 -16.22 -12.81
C GLY B 64 -35.06 -14.88 -12.57
N PHE B 65 -33.85 -14.90 -12.01
CA PHE B 65 -33.05 -13.68 -11.95
C PHE B 65 -32.91 -13.08 -13.35
N SER B 66 -33.08 -11.76 -13.43
CA SER B 66 -33.00 -11.07 -14.71
C SER B 66 -31.61 -11.22 -15.31
N LEU B 67 -31.56 -11.47 -16.62
CA LEU B 67 -30.30 -11.71 -17.31
C LEU B 67 -29.73 -10.43 -17.91
N GLY B 68 -30.45 -9.82 -18.84
CA GLY B 68 -29.92 -8.69 -19.58
C GLY B 68 -28.89 -9.11 -20.61
N SER B 69 -28.69 -8.29 -21.64
CA SER B 69 -27.71 -8.62 -22.66
C SER B 69 -26.92 -7.41 -23.15
N THR B 70 -26.89 -6.33 -22.38
CA THR B 70 -26.15 -5.14 -22.77
C THR B 70 -24.75 -5.17 -22.15
N VAL B 71 -23.96 -4.13 -22.42
CA VAL B 71 -22.66 -3.99 -21.75
C VAL B 71 -22.80 -3.35 -20.38
N GLN B 72 -24.01 -3.09 -19.93
CA GLN B 72 -24.26 -2.54 -18.60
C GLN B 72 -24.57 -3.66 -17.62
N SER B 73 -24.16 -3.46 -16.37
CA SER B 73 -24.50 -4.41 -15.32
C SER B 73 -25.99 -4.35 -15.00
N HIS B 74 -26.57 -5.52 -14.74
CA HIS B 74 -28.01 -5.63 -14.50
C HIS B 74 -28.33 -5.99 -13.07
N THR B 75 -27.74 -7.08 -12.56
CA THR B 75 -28.00 -7.51 -11.19
C THR B 75 -27.25 -6.60 -10.22
N LYS B 76 -27.99 -6.03 -9.28
CA LYS B 76 -27.42 -5.14 -8.25
C LYS B 76 -27.78 -5.66 -6.88
N GLY B 77 -26.84 -5.52 -5.93
CA GLY B 77 -27.06 -6.05 -4.61
C GLY B 77 -27.03 -7.57 -4.61
N ILE B 78 -27.61 -8.14 -3.55
CA ILE B 78 -27.71 -9.59 -3.39
C ILE B 78 -29.17 -9.98 -3.44
N TRP B 79 -29.50 -10.95 -4.29
CA TRP B 79 -30.86 -11.42 -4.49
C TRP B 79 -30.95 -12.88 -4.06
N MET B 80 -31.89 -13.17 -3.17
CA MET B 80 -32.10 -14.53 -2.69
C MET B 80 -33.26 -15.18 -3.43
N TRP B 81 -33.33 -16.51 -3.32
CA TRP B 81 -34.43 -17.27 -3.90
C TRP B 81 -34.54 -18.59 -3.13
N CYS B 82 -35.56 -18.71 -2.30
CA CYS B 82 -35.73 -19.87 -1.44
C CYS B 82 -36.56 -20.92 -2.15
N VAL B 83 -35.95 -22.07 -2.42
CA VAL B 83 -36.67 -23.20 -3.02
C VAL B 83 -36.40 -24.46 -2.21
N PRO B 84 -37.33 -25.41 -2.16
CA PRO B 84 -37.06 -26.68 -1.49
C PRO B 84 -35.92 -27.44 -2.15
N HIS B 85 -35.15 -28.14 -1.34
CA HIS B 85 -34.01 -28.89 -1.85
C HIS B 85 -34.50 -30.06 -2.70
N PRO B 86 -34.11 -30.15 -3.97
CA PRO B 86 -34.62 -31.22 -4.84
C PRO B 86 -34.13 -32.61 -4.45
N LYS B 87 -33.05 -32.74 -3.70
CA LYS B 87 -32.47 -34.04 -3.40
C LYS B 87 -32.32 -34.34 -1.92
N LYS B 88 -32.39 -33.35 -1.05
CA LYS B 88 -32.24 -33.56 0.39
C LYS B 88 -33.53 -33.14 1.09
N PRO B 89 -34.35 -34.08 1.57
CA PRO B 89 -35.67 -33.72 2.08
C PRO B 89 -35.57 -32.95 3.39
N GLY B 90 -36.58 -32.12 3.63
CA GLY B 90 -36.68 -31.37 4.87
C GLY B 90 -35.85 -30.11 4.91
N HIS B 91 -35.18 -29.74 3.83
CA HIS B 91 -34.29 -28.58 3.81
C HIS B 91 -34.65 -27.68 2.63
N ILE B 92 -34.36 -26.39 2.79
CA ILE B 92 -34.69 -25.38 1.80
C ILE B 92 -33.41 -24.90 1.14
N LEU B 93 -33.34 -25.04 -0.18
CA LEU B 93 -32.20 -24.55 -0.94
C LEU B 93 -32.34 -23.05 -1.16
N VAL B 94 -31.29 -22.31 -0.80
CA VAL B 94 -31.29 -20.86 -0.93
C VAL B 94 -30.20 -20.48 -1.93
N LEU B 95 -30.61 -19.93 -3.06
CA LEU B 95 -29.68 -19.46 -4.09
C LEU B 95 -29.51 -17.96 -3.93
N LEU B 96 -28.25 -17.51 -3.96
CA LEU B 96 -27.93 -16.09 -3.89
C LEU B 96 -27.31 -15.65 -5.21
N ASP B 97 -27.86 -14.58 -5.77
CA ASP B 97 -27.27 -13.91 -6.93
C ASP B 97 -26.50 -12.69 -6.45
N THR B 98 -25.44 -12.36 -7.17
CA THR B 98 -24.48 -11.36 -6.69
C THR B 98 -24.14 -10.38 -7.80
N GLU B 99 -24.05 -9.11 -7.42
CA GLU B 99 -23.57 -8.07 -8.33
C GLU B 99 -22.19 -8.42 -8.87
N GLY B 100 -22.01 -8.26 -10.18
CA GLY B 100 -20.76 -8.68 -10.79
C GLY B 100 -19.59 -7.86 -10.28
N LEU B 101 -18.43 -8.50 -10.24
CA LEU B 101 -17.23 -7.84 -9.76
C LEU B 101 -16.66 -6.90 -10.81
N GLY B 102 -15.89 -5.92 -10.34
CA GLY B 102 -15.16 -5.02 -11.22
C GLY B 102 -15.99 -4.22 -12.18
N ASP B 103 -17.13 -3.68 -11.74
CA ASP B 103 -17.95 -2.87 -12.62
C ASP B 103 -17.25 -1.56 -12.95
N VAL B 104 -17.32 -1.16 -14.22
CA VAL B 104 -16.69 0.09 -14.64
C VAL B 104 -17.60 1.31 -14.44
N GLU B 105 -18.92 1.12 -14.52
CA GLU B 105 -19.84 2.24 -14.30
C GLU B 105 -19.85 2.66 -12.83
N LYS B 106 -19.78 1.69 -11.93
CA LYS B 106 -19.65 2.02 -10.52
C LYS B 106 -18.22 2.38 -10.17
N GLY B 107 -17.25 1.62 -10.68
CA GLY B 107 -15.84 1.93 -10.47
C GLY B 107 -15.46 1.97 -9.00
N ASP B 108 -15.94 1.01 -8.22
CA ASP B 108 -15.68 0.97 -6.78
C ASP B 108 -15.39 -0.47 -6.40
N ASN B 109 -14.14 -0.73 -5.97
CA ASN B 109 -13.78 -2.05 -5.49
C ASN B 109 -14.19 -2.26 -4.04
N GLN B 110 -14.41 -1.19 -3.29
CA GLN B 110 -14.78 -1.33 -1.88
C GLN B 110 -16.12 -2.05 -1.75
N ASN B 111 -17.14 -1.56 -2.47
CA ASN B 111 -18.45 -2.22 -2.45
C ASN B 111 -18.37 -3.61 -3.03
N ASP B 112 -17.50 -3.81 -4.03
CA ASP B 112 -17.32 -5.12 -4.63
C ASP B 112 -16.89 -6.14 -3.60
N SER B 113 -15.85 -5.82 -2.82
CA SER B 113 -15.38 -6.74 -1.79
C SER B 113 -16.42 -6.95 -0.70
N TRP B 114 -17.22 -5.93 -0.40
CA TRP B 114 -18.28 -6.10 0.60
C TRP B 114 -19.29 -7.14 0.13
N ILE B 115 -19.72 -7.06 -1.13
CA ILE B 115 -20.71 -8.00 -1.63
C ILE B 115 -20.08 -9.39 -1.74
N PHE B 116 -18.82 -9.45 -2.18
CA PHE B 116 -18.04 -10.68 -2.18
C PHE B 116 -18.02 -11.32 -0.79
N ALA B 117 -17.68 -10.52 0.23
CA ALA B 117 -17.58 -11.04 1.58
C ALA B 117 -18.93 -11.48 2.11
N LEU B 118 -19.99 -10.74 1.81
CA LEU B 118 -21.33 -11.17 2.19
C LEU B 118 -21.68 -12.50 1.55
N ALA B 119 -21.34 -12.69 0.28
CA ALA B 119 -21.63 -13.95 -0.41
C ALA B 119 -20.94 -15.12 0.28
N VAL B 120 -19.63 -15.01 0.52
CA VAL B 120 -18.89 -16.13 1.10
C VAL B 120 -19.36 -16.41 2.52
N LEU B 121 -19.59 -15.35 3.31
CA LEU B 121 -20.00 -15.54 4.70
C LEU B 121 -21.37 -16.20 4.79
N LEU B 122 -22.34 -15.70 4.02
CA LEU B 122 -23.69 -16.25 4.06
C LEU B 122 -23.83 -17.57 3.31
N SER B 123 -22.78 -18.01 2.62
CA SER B 123 -22.80 -19.24 1.85
C SER B 123 -22.24 -20.41 2.65
N SER B 124 -22.93 -21.54 2.59
CA SER B 124 -22.37 -22.82 2.98
C SER B 124 -21.79 -23.58 1.80
N THR B 125 -21.96 -23.06 0.58
CA THR B 125 -21.35 -23.63 -0.62
C THR B 125 -21.01 -22.46 -1.54
N PHE B 126 -19.74 -22.07 -1.54
CA PHE B 126 -19.30 -20.85 -2.22
C PHE B 126 -18.84 -21.18 -3.64
N VAL B 127 -19.37 -20.42 -4.61
CA VAL B 127 -19.11 -20.65 -6.03
C VAL B 127 -18.46 -19.41 -6.61
N TYR B 128 -17.31 -19.59 -7.25
CA TYR B 128 -16.62 -18.51 -7.94
C TYR B 128 -16.79 -18.69 -9.45
N ASN B 129 -16.84 -17.58 -10.18
CA ASN B 129 -17.05 -17.60 -11.62
C ASN B 129 -15.98 -16.77 -12.31
N SER B 130 -15.49 -17.28 -13.43
CA SER B 130 -14.48 -16.58 -14.22
C SER B 130 -14.53 -17.08 -15.64
N ILE B 131 -13.91 -16.34 -16.55
CA ILE B 131 -13.92 -16.64 -17.97
C ILE B 131 -12.51 -17.01 -18.41
N GLY B 132 -12.39 -18.08 -19.19
CA GLY B 132 -11.15 -18.44 -19.82
C GLY B 132 -10.26 -19.35 -19.00
N THR B 133 -9.56 -18.78 -18.01
CA THR B 133 -8.61 -19.54 -17.22
C THR B 133 -8.62 -19.05 -15.77
N ILE B 134 -8.22 -19.96 -14.87
CA ILE B 134 -7.92 -19.56 -13.50
C ILE B 134 -6.68 -18.66 -13.53
N ASN B 135 -6.72 -17.56 -12.79
CA ASN B 135 -5.76 -16.49 -12.97
C ASN B 135 -5.18 -16.06 -11.64
N GLN B 136 -3.97 -15.48 -11.71
CA GLN B 136 -3.33 -14.95 -10.51
C GLN B 136 -4.12 -13.80 -9.91
N GLN B 137 -4.73 -12.96 -10.76
CA GLN B 137 -5.61 -11.91 -10.26
C GLN B 137 -6.81 -12.51 -9.54
N ALA B 138 -7.37 -13.58 -10.09
CA ALA B 138 -8.49 -14.25 -9.44
C ALA B 138 -8.06 -14.84 -8.10
N MET B 139 -6.87 -15.43 -8.05
CA MET B 139 -6.34 -15.93 -6.79
C MET B 139 -6.19 -14.81 -5.77
N ASP B 140 -5.60 -13.68 -6.19
CA ASP B 140 -5.39 -12.57 -5.27
C ASP B 140 -6.70 -12.00 -4.76
N GLN B 141 -7.70 -11.87 -5.63
CA GLN B 141 -9.00 -11.37 -5.19
C GLN B 141 -9.69 -12.35 -4.25
N LEU B 142 -9.67 -13.64 -4.59
CA LEU B 142 -10.28 -14.64 -3.72
C LEU B 142 -9.54 -14.73 -2.39
N TYR B 143 -8.20 -14.72 -2.44
CA TYR B 143 -7.41 -14.74 -1.21
C TYR B 143 -7.71 -13.52 -0.34
N TYR B 144 -7.69 -12.33 -0.93
CA TYR B 144 -7.94 -11.10 -0.19
C TYR B 144 -9.30 -11.14 0.51
N VAL B 145 -10.29 -11.81 -0.09
CA VAL B 145 -11.62 -11.88 0.51
C VAL B 145 -11.62 -12.77 1.75
N THR B 146 -10.88 -13.88 1.70
CA THR B 146 -10.98 -14.87 2.78
C THR B 146 -10.55 -14.28 4.11
N GLU B 147 -9.52 -13.44 4.11
CA GLU B 147 -9.09 -12.80 5.34
C GLU B 147 -10.02 -11.67 5.75
N LEU B 148 -10.61 -10.98 4.77
CA LEU B 148 -11.65 -10.00 5.09
C LEU B 148 -12.83 -10.68 5.77
N THR B 149 -13.11 -11.93 5.41
CA THR B 149 -14.14 -12.71 6.09
C THR B 149 -13.77 -12.90 7.56
N HIS B 150 -12.49 -13.15 7.85
CA HIS B 150 -12.02 -13.21 9.23
C HIS B 150 -12.26 -11.88 9.94
N ARG B 151 -11.98 -10.76 9.25
CA ARG B 151 -12.21 -9.45 9.84
C ARG B 151 -13.67 -9.24 10.20
N ILE B 152 -14.59 -9.66 9.33
CA ILE B 152 -16.01 -9.44 9.59
C ILE B 152 -16.47 -10.27 10.78
N ARG B 153 -16.08 -11.55 10.82
CA ARG B 153 -16.52 -12.42 11.90
C ARG B 153 -15.94 -11.99 13.23
N SER B 154 -14.72 -11.44 13.24
CA SER B 154 -14.08 -11.03 14.47
C SER B 154 -14.85 -9.91 15.18
N LYS B 155 -15.69 -9.18 14.45
CA LYS B 155 -16.45 -8.07 15.03
C LYS B 155 -17.87 -8.46 15.43
N SER B 156 -18.29 -9.70 15.13
CA SER B 156 -19.67 -10.10 15.45
C SER B 156 -19.77 -11.53 15.99
N SER B 157 -18.64 -12.21 16.23
CA SER B 157 -18.66 -13.56 16.75
C SER B 157 -17.85 -13.64 18.03
N PRO B 158 -18.34 -14.36 19.05
CA PRO B 158 -17.68 -14.32 20.37
C PRO B 158 -16.32 -15.02 20.40
N ASP B 159 -16.27 -16.28 20.03
CA ASP B 159 -15.07 -17.10 20.23
C ASP B 159 -15.26 -18.44 19.54
N GLU B 160 -14.32 -19.35 19.79
CA GLU B 160 -14.29 -20.77 19.43
C GLU B 160 -13.93 -21.04 17.97
N ASN B 161 -13.80 -20.03 17.12
CA ASN B 161 -13.24 -20.29 15.79
C ASN B 161 -12.45 -19.14 15.19
N GLU B 162 -12.33 -17.99 15.84
CA GLU B 162 -11.70 -16.82 15.24
C GLU B 162 -10.35 -16.54 15.91
N ASN B 163 -9.27 -16.75 15.16
CA ASN B 163 -7.91 -16.35 15.49
C ASN B 163 -7.35 -17.04 16.74
N GLU B 164 -8.07 -17.98 17.34
CA GLU B 164 -7.56 -18.67 18.51
C GLU B 164 -7.47 -20.18 18.36
N VAL B 165 -8.48 -20.81 17.75
CA VAL B 165 -8.49 -22.24 17.51
C VAL B 165 -9.06 -22.47 16.11
N GLU B 166 -8.23 -22.98 15.21
CA GLU B 166 -8.62 -23.21 13.82
C GLU B 166 -8.95 -24.68 13.57
N ASP B 167 -8.00 -25.57 13.83
CA ASP B 167 -8.15 -26.99 13.56
C ASP B 167 -8.61 -27.75 14.81
N SER B 168 -8.94 -29.03 14.59
CA SER B 168 -9.33 -29.95 15.66
C SER B 168 -10.58 -29.48 16.41
N ALA B 169 -11.45 -28.72 15.74
CA ALA B 169 -12.68 -28.23 16.34
C ALA B 169 -13.90 -28.54 15.47
N ASP B 170 -13.80 -29.51 14.58
CA ASP B 170 -14.87 -29.87 13.65
C ASP B 170 -15.32 -28.64 12.85
N PHE B 171 -14.34 -27.83 12.45
CA PHE B 171 -14.59 -26.61 11.69
C PHE B 171 -14.84 -26.88 10.21
N VAL B 172 -14.60 -28.11 9.74
CA VAL B 172 -14.83 -28.45 8.33
C VAL B 172 -16.30 -28.30 7.93
N SER B 173 -17.21 -28.28 8.89
CA SER B 173 -18.62 -28.06 8.60
C SER B 173 -19.01 -26.58 8.62
N PHE B 174 -18.14 -25.72 9.14
CA PHE B 174 -18.45 -24.30 9.29
C PHE B 174 -18.07 -23.53 8.03
N PHE B 175 -16.79 -23.60 7.66
CA PHE B 175 -16.31 -22.90 6.47
C PHE B 175 -17.00 -23.45 5.23
N PRO B 176 -17.30 -22.61 4.24
CA PRO B 176 -18.06 -23.08 3.07
C PRO B 176 -17.22 -23.94 2.15
N ASP B 177 -17.86 -24.96 1.58
CA ASP B 177 -17.24 -25.70 0.48
C ASP B 177 -17.07 -24.79 -0.72
N PHE B 178 -15.99 -24.99 -1.45
CA PHE B 178 -15.62 -24.10 -2.55
C PHE B 178 -15.83 -24.80 -3.89
N VAL B 179 -16.23 -24.02 -4.88
CA VAL B 179 -16.36 -24.47 -6.26
C VAL B 179 -15.83 -23.36 -7.16
N TRP B 180 -15.00 -23.72 -8.13
CA TRP B 180 -14.55 -22.80 -9.16
C TRP B 180 -15.18 -23.19 -10.49
N THR B 181 -15.82 -22.24 -11.14
CA THR B 181 -16.41 -22.43 -12.46
C THR B 181 -15.59 -21.66 -13.48
N LEU B 182 -15.39 -22.27 -14.65
CA LEU B 182 -14.69 -21.62 -15.76
C LEU B 182 -15.66 -21.54 -16.93
N ARG B 183 -15.74 -20.36 -17.54
CA ARG B 183 -16.67 -20.10 -18.63
C ARG B 183 -15.93 -20.01 -19.95
N ASP B 184 -16.56 -20.51 -21.01
CA ASP B 184 -16.02 -20.49 -22.36
C ASP B 184 -14.61 -21.09 -22.42
N PHE B 185 -14.45 -22.24 -21.77
CA PHE B 185 -13.17 -22.93 -21.81
C PHE B 185 -12.91 -23.45 -23.21
N SER B 186 -11.73 -23.16 -23.75
CA SER B 186 -11.37 -23.57 -25.10
C SER B 186 -9.99 -24.19 -25.20
N LEU B 187 -9.09 -23.94 -24.25
CA LEU B 187 -7.76 -24.51 -24.30
C LEU B 187 -7.79 -25.99 -23.99
N ASP B 188 -6.79 -26.71 -24.49
CA ASP B 188 -6.65 -28.12 -24.19
C ASP B 188 -6.10 -28.31 -22.78
N LEU B 189 -6.72 -29.22 -22.02
CA LEU B 189 -6.35 -29.45 -20.63
C LEU B 189 -5.08 -30.30 -20.58
N GLU B 190 -3.95 -29.67 -20.89
CA GLU B 190 -2.65 -30.32 -20.82
C GLU B 190 -1.67 -29.41 -20.10
N ALA B 191 -0.76 -30.02 -19.34
CA ALA B 191 0.26 -29.27 -18.62
C ALA B 191 1.47 -30.18 -18.41
N ASP B 192 2.63 -29.74 -18.86
CA ASP B 192 3.89 -30.48 -18.78
C ASP B 192 3.84 -31.80 -19.53
N GLY B 193 2.84 -32.00 -20.38
CA GLY B 193 2.72 -33.20 -21.18
C GLY B 193 1.52 -34.07 -20.81
N GLN B 194 1.24 -34.20 -19.52
CA GLN B 194 0.14 -35.07 -19.13
C GLN B 194 -1.18 -34.30 -19.13
N PRO B 195 -2.25 -34.89 -19.65
CA PRO B 195 -3.57 -34.25 -19.57
C PRO B 195 -4.00 -34.06 -18.13
N LEU B 196 -4.95 -33.15 -17.93
CA LEU B 196 -5.40 -32.79 -16.58
C LEU B 196 -6.92 -32.82 -16.51
N THR B 197 -7.43 -33.43 -15.44
CA THR B 197 -8.81 -33.25 -15.01
C THR B 197 -8.94 -31.91 -14.29
N PRO B 198 -10.06 -31.21 -14.43
CA PRO B 198 -10.18 -29.88 -13.82
C PRO B 198 -9.84 -29.84 -12.34
N ASP B 199 -10.15 -30.88 -11.58
CA ASP B 199 -9.71 -30.97 -10.20
C ASP B 199 -8.19 -30.92 -10.10
N GLU B 200 -7.51 -31.72 -10.93
CA GLU B 200 -6.04 -31.70 -10.95
C GLU B 200 -5.51 -30.35 -11.39
N TYR B 201 -6.22 -29.69 -12.31
CA TYR B 201 -5.82 -28.37 -12.79
C TYR B 201 -5.83 -27.37 -11.63
N LEU B 202 -6.91 -27.33 -10.86
CA LEU B 202 -7.00 -26.39 -9.74
C LEU B 202 -5.97 -26.72 -8.66
N THR B 203 -5.78 -28.00 -8.35
CA THR B 203 -4.78 -28.38 -7.35
C THR B 203 -3.36 -28.01 -7.79
N TYR B 204 -3.05 -28.21 -9.08
CA TYR B 204 -1.78 -27.74 -9.61
C TYR B 204 -1.66 -26.22 -9.47
N SER B 205 -2.73 -25.49 -9.77
CA SER B 205 -2.73 -24.05 -9.56
C SER B 205 -2.48 -23.69 -8.09
N LEU B 206 -2.91 -24.54 -7.16
CA LEU B 206 -2.67 -24.32 -5.74
C LEU B 206 -1.53 -25.16 -5.19
N LYS B 207 -0.73 -25.78 -6.06
CA LYS B 207 0.38 -26.60 -5.62
C LYS B 207 1.44 -25.73 -4.95
N LEU B 208 1.98 -26.24 -3.83
CA LEU B 208 3.00 -25.50 -3.10
C LEU B 208 4.32 -25.51 -3.87
N LYS B 209 5.24 -24.64 -3.46
CA LYS B 209 6.56 -24.52 -4.06
C LYS B 209 7.63 -24.97 -3.07
N LYS B 210 8.46 -25.92 -3.50
CA LYS B 210 9.60 -26.52 -2.81
C LYS B 210 9.86 -26.01 -1.39
N GLY B 211 10.94 -25.26 -1.21
CA GLY B 211 11.43 -24.87 0.10
C GLY B 211 10.96 -23.49 0.51
N THR B 212 11.75 -22.85 1.37
CA THR B 212 11.36 -21.58 2.00
C THR B 212 12.41 -20.52 1.69
N SER B 213 12.24 -19.84 0.56
CA SER B 213 12.89 -18.56 0.33
C SER B 213 11.90 -17.45 0.73
N GLN B 214 12.17 -16.21 0.32
CA GLN B 214 11.20 -15.16 0.54
C GLN B 214 10.25 -15.01 -0.65
N LYS B 215 10.76 -15.10 -1.88
CA LYS B 215 9.89 -15.12 -3.06
C LYS B 215 9.06 -16.40 -3.12
N ASP B 216 9.56 -17.49 -2.54
CA ASP B 216 8.74 -18.70 -2.46
C ASP B 216 7.68 -18.60 -1.38
N GLU B 217 7.94 -17.85 -0.30
CA GLU B 217 6.93 -17.65 0.72
C GLU B 217 5.80 -16.74 0.23
N THR B 218 6.14 -15.68 -0.51
CA THR B 218 5.10 -14.84 -1.11
C THR B 218 4.26 -15.64 -2.10
N PHE B 219 4.89 -16.54 -2.85
CA PHE B 219 4.15 -17.46 -3.71
C PHE B 219 3.22 -18.35 -2.90
N ASN B 220 3.75 -18.99 -1.85
CA ASN B 220 3.00 -20.00 -1.12
C ASN B 220 1.88 -19.41 -0.28
N LEU B 221 2.05 -18.18 0.20
CA LEU B 221 1.11 -17.61 1.17
C LEU B 221 -0.35 -17.60 0.70
N PRO B 222 -0.68 -17.14 -0.52
CA PRO B 222 -2.10 -17.15 -0.91
C PRO B 222 -2.67 -18.55 -1.04
N ARG B 223 -1.93 -19.49 -1.64
CA ARG B 223 -2.44 -20.84 -1.82
C ARG B 223 -2.66 -21.54 -0.49
N LEU B 224 -1.73 -21.37 0.45
CA LEU B 224 -1.89 -21.98 1.77
C LEU B 224 -3.14 -21.47 2.47
N CYS B 225 -3.37 -20.16 2.45
CA CYS B 225 -4.54 -19.59 3.09
C CYS B 225 -5.83 -20.07 2.44
N ILE B 226 -5.85 -20.16 1.10
CA ILE B 226 -7.04 -20.66 0.41
C ILE B 226 -7.30 -22.12 0.79
N ARG B 227 -6.24 -22.93 0.84
CA ARG B 227 -6.40 -24.34 1.20
C ARG B 227 -6.95 -24.48 2.62
N LYS B 228 -6.43 -23.67 3.55
CA LYS B 228 -6.94 -23.72 4.92
C LYS B 228 -8.38 -23.26 5.01
N PHE B 229 -8.72 -22.16 4.32
CA PHE B 229 -10.07 -21.62 4.40
C PHE B 229 -11.11 -22.59 3.85
N PHE B 230 -10.82 -23.23 2.72
CA PHE B 230 -11.81 -24.08 2.05
C PHE B 230 -11.38 -25.53 2.12
N PRO B 231 -11.95 -26.34 3.03
CA PRO B 231 -11.55 -27.75 3.14
C PRO B 231 -11.68 -28.51 1.83
N LYS B 232 -12.88 -28.52 1.26
CA LYS B 232 -13.14 -29.20 -0.01
C LYS B 232 -13.12 -28.20 -1.15
N LYS B 233 -12.52 -28.60 -2.27
CA LYS B 233 -12.45 -27.76 -3.46
C LYS B 233 -12.87 -28.55 -4.68
N LYS B 234 -13.24 -27.83 -5.73
CA LYS B 234 -13.75 -28.43 -6.95
C LYS B 234 -13.46 -27.47 -8.10
N CYS B 235 -13.65 -27.95 -9.32
CA CYS B 235 -13.47 -27.11 -10.50
C CYS B 235 -14.33 -27.65 -11.64
N PHE B 236 -14.88 -26.75 -12.44
CA PHE B 236 -15.71 -27.10 -13.58
C PHE B 236 -15.30 -26.26 -14.78
N VAL B 237 -15.58 -26.78 -15.96
CA VAL B 237 -15.35 -26.05 -17.21
C VAL B 237 -16.60 -26.16 -18.06
N PHE B 238 -16.93 -25.09 -18.77
CA PHE B 238 -18.08 -25.05 -19.67
C PHE B 238 -17.67 -24.41 -20.97
N ASP B 239 -18.11 -24.99 -22.09
CA ASP B 239 -17.89 -24.40 -23.39
C ASP B 239 -18.90 -23.28 -23.63
N ARG B 240 -18.82 -22.65 -24.80
CA ARG B 240 -19.77 -21.61 -25.16
C ARG B 240 -21.17 -22.20 -25.26
N PRO B 241 -22.18 -21.55 -24.67
CA PRO B 241 -23.54 -22.11 -24.73
C PRO B 241 -24.07 -22.26 -26.14
N VAL B 242 -23.73 -21.34 -27.04
CA VAL B 242 -24.17 -21.41 -28.43
C VAL B 242 -22.98 -21.13 -29.33
N HIS B 243 -23.07 -21.62 -30.57
CA HIS B 243 -21.96 -21.49 -31.51
C HIS B 243 -21.76 -20.04 -31.95
N ARG B 244 -22.77 -19.47 -32.61
CA ARG B 244 -22.76 -18.05 -32.93
C ARG B 244 -23.12 -17.26 -31.67
N ARG B 245 -23.26 -15.94 -31.81
CA ARG B 245 -23.70 -15.10 -30.70
C ARG B 245 -25.19 -14.84 -30.81
N LYS B 246 -25.97 -15.89 -30.59
CA LYS B 246 -27.40 -15.74 -30.29
C LYS B 246 -27.61 -15.66 -28.78
N LEU B 247 -26.84 -14.78 -28.16
CA LEU B 247 -26.64 -14.78 -26.72
C LEU B 247 -27.59 -13.85 -25.98
N ALA B 248 -28.49 -13.16 -26.70
CA ALA B 248 -29.49 -12.32 -26.08
C ALA B 248 -30.83 -13.02 -25.88
N GLN B 249 -30.99 -14.24 -26.40
CA GLN B 249 -32.24 -14.99 -26.29
C GLN B 249 -32.05 -16.25 -25.47
N LEU B 250 -31.14 -16.22 -24.50
CA LEU B 250 -30.87 -17.40 -23.68
C LEU B 250 -31.98 -17.66 -22.67
N GLU B 251 -32.76 -16.64 -22.31
CA GLU B 251 -33.88 -16.84 -21.41
C GLU B 251 -35.02 -17.58 -22.11
N LYS B 252 -35.03 -17.59 -23.44
CA LYS B 252 -36.08 -18.21 -24.23
C LYS B 252 -35.66 -19.51 -24.90
N LEU B 253 -34.37 -19.84 -24.88
CA LEU B 253 -33.85 -20.99 -25.61
C LEU B 253 -33.94 -22.24 -24.75
N GLN B 254 -34.38 -23.35 -25.36
CA GLN B 254 -34.43 -24.63 -24.70
C GLN B 254 -33.07 -25.34 -24.82
N ASP B 255 -33.00 -26.59 -24.35
CA ASP B 255 -31.73 -27.29 -24.21
C ASP B 255 -31.15 -27.79 -25.53
N GLU B 256 -32.01 -28.22 -26.47
CA GLU B 256 -31.50 -28.82 -27.70
C GLU B 256 -30.73 -27.81 -28.56
N GLU B 257 -31.12 -26.54 -28.52
CA GLU B 257 -30.39 -25.53 -29.30
C GLU B 257 -29.02 -25.27 -28.70
N LEU B 258 -28.87 -25.38 -27.39
CA LEU B 258 -27.57 -25.24 -26.75
C LEU B 258 -26.69 -26.45 -27.05
N ASP B 259 -25.39 -26.27 -26.86
CA ASP B 259 -24.45 -27.35 -27.08
C ASP B 259 -24.72 -28.48 -26.08
N PRO B 260 -24.86 -29.73 -26.55
CA PRO B 260 -25.15 -30.82 -25.61
C PRO B 260 -24.09 -31.02 -24.54
N GLU B 261 -22.82 -30.76 -24.87
CA GLU B 261 -21.76 -30.85 -23.86
C GLU B 261 -21.94 -29.83 -22.75
N PHE B 262 -22.34 -28.60 -23.10
CA PHE B 262 -22.60 -27.59 -22.08
C PHE B 262 -23.75 -28.01 -21.18
N VAL B 263 -24.82 -28.58 -21.76
CA VAL B 263 -25.93 -29.06 -20.95
C VAL B 263 -25.48 -30.17 -20.02
N GLN B 264 -24.67 -31.10 -20.54
CA GLN B 264 -24.14 -32.19 -19.71
C GLN B 264 -23.31 -31.64 -18.55
N GLN B 265 -22.45 -30.66 -18.83
CA GLN B 265 -21.62 -30.08 -17.77
C GLN B 265 -22.46 -29.33 -16.75
N VAL B 266 -23.49 -28.61 -17.20
CA VAL B 266 -24.38 -27.93 -16.26
C VAL B 266 -25.09 -28.94 -15.37
N ALA B 267 -25.57 -30.04 -15.96
CA ALA B 267 -26.21 -31.08 -15.17
C ALA B 267 -25.25 -31.68 -14.15
N ASP B 268 -24.00 -31.90 -14.56
CA ASP B 268 -22.99 -32.44 -13.66
C ASP B 268 -22.73 -31.48 -12.50
N PHE B 269 -22.61 -30.18 -12.80
CA PHE B 269 -22.36 -29.20 -11.75
C PHE B 269 -23.54 -29.13 -10.78
N CYS B 270 -24.77 -29.13 -11.31
CA CYS B 270 -25.94 -29.10 -10.45
C CYS B 270 -26.04 -30.35 -9.59
N SER B 271 -25.74 -31.52 -10.16
CA SER B 271 -25.76 -32.76 -9.40
C SER B 271 -24.71 -32.73 -8.29
N TYR B 272 -23.52 -32.23 -8.59
CA TYR B 272 -22.47 -32.11 -7.57
C TYR B 272 -22.92 -31.22 -6.42
N ILE B 273 -23.49 -30.05 -6.75
CA ILE B 273 -23.94 -29.12 -5.72
C ILE B 273 -25.03 -29.75 -4.87
N PHE B 274 -26.02 -30.37 -5.53
CA PHE B 274 -27.14 -30.96 -4.79
C PHE B 274 -26.69 -32.10 -3.89
N SER B 275 -25.78 -32.94 -4.37
CA SER B 275 -25.40 -34.14 -3.64
C SER B 275 -24.22 -33.95 -2.69
N ASN B 276 -23.55 -32.80 -2.73
CA ASN B 276 -22.44 -32.56 -1.81
C ASN B 276 -22.54 -31.29 -1.00
N SER B 277 -23.56 -30.47 -1.19
CA SER B 277 -23.72 -29.26 -0.39
C SER B 277 -24.22 -29.62 1.00
N LYS B 278 -23.57 -29.06 2.03
CA LYS B 278 -23.92 -29.33 3.40
C LYS B 278 -24.97 -28.32 3.89
N THR B 279 -25.41 -28.50 5.12
CA THR B 279 -26.31 -27.55 5.77
C THR B 279 -25.48 -26.46 6.44
N LYS B 280 -25.85 -25.20 6.18
CA LYS B 280 -25.13 -24.09 6.79
C LYS B 280 -25.23 -24.14 8.30
N THR B 281 -24.08 -24.05 8.98
CA THR B 281 -24.02 -24.10 10.42
C THR B 281 -23.11 -23.00 10.94
N LEU B 282 -23.44 -22.46 12.10
CA LEU B 282 -22.62 -21.46 12.75
C LEU B 282 -21.59 -22.16 13.64
N SER B 283 -20.75 -21.37 14.31
CA SER B 283 -19.82 -21.92 15.27
C SER B 283 -20.56 -22.62 16.40
N GLY B 284 -20.12 -23.82 16.74
CA GLY B 284 -20.79 -24.64 17.73
C GLY B 284 -21.57 -25.81 17.17
N GLY B 285 -21.79 -25.87 15.86
CA GLY B 285 -22.44 -26.99 15.23
C GLY B 285 -23.95 -26.88 15.10
N ILE B 286 -24.55 -25.80 15.59
CA ILE B 286 -25.99 -25.64 15.50
C ILE B 286 -26.40 -25.41 14.05
N GLN B 287 -27.37 -26.19 13.57
CA GLN B 287 -27.87 -26.01 12.23
C GLN B 287 -28.67 -24.71 12.13
N VAL B 288 -28.41 -23.93 11.09
CA VAL B 288 -28.95 -22.59 10.98
C VAL B 288 -30.27 -22.63 10.20
N ASN B 289 -31.30 -22.01 10.76
CA ASN B 289 -32.62 -21.92 10.14
C ASN B 289 -32.93 -20.47 9.76
N GLY B 290 -34.20 -20.23 9.40
CA GLY B 290 -34.63 -18.96 8.89
C GLY B 290 -34.37 -17.77 9.80
N PRO B 291 -34.88 -17.80 11.03
CA PRO B 291 -34.58 -16.70 11.97
C PRO B 291 -33.10 -16.52 12.23
N ARG B 292 -32.34 -17.62 12.31
CA ARG B 292 -30.90 -17.49 12.46
C ARG B 292 -30.28 -16.77 11.28
N LEU B 293 -30.73 -17.08 10.07
CA LEU B 293 -30.23 -16.36 8.89
C LEU B 293 -30.63 -14.89 8.92
N GLU B 294 -31.85 -14.59 9.35
CA GLU B 294 -32.28 -13.20 9.46
C GLU B 294 -31.36 -12.41 10.37
N SER B 295 -31.10 -12.94 11.57
CA SER B 295 -30.18 -12.28 12.49
C SER B 295 -28.78 -12.22 11.92
N LEU B 296 -28.35 -13.28 11.21
CA LEU B 296 -27.03 -13.29 10.60
C LEU B 296 -26.86 -12.17 9.59
N VAL B 297 -27.82 -12.03 8.66
CA VAL B 297 -27.69 -11.02 7.63
C VAL B 297 -27.78 -9.62 8.24
N LEU B 298 -28.64 -9.44 9.25
CA LEU B 298 -28.69 -8.17 9.95
C LEU B 298 -27.35 -7.83 10.58
N THR B 299 -26.76 -8.78 11.31
CA THR B 299 -25.50 -8.53 11.98
C THR B 299 -24.39 -8.22 10.99
N TYR B 300 -24.33 -8.97 9.88
CA TYR B 300 -23.25 -8.78 8.92
C TYR B 300 -23.41 -7.47 8.15
N VAL B 301 -24.64 -7.14 7.76
CA VAL B 301 -24.87 -5.87 7.07
C VAL B 301 -24.51 -4.70 7.97
N ASN B 302 -24.91 -4.78 9.24
CA ASN B 302 -24.54 -3.73 10.19
C ASN B 302 -23.02 -3.71 10.41
N ALA B 303 -22.39 -4.88 10.48
CA ALA B 303 -20.94 -4.91 10.67
C ALA B 303 -20.22 -4.28 9.48
N ILE B 304 -20.81 -4.35 8.29
CA ILE B 304 -20.20 -3.74 7.12
C ILE B 304 -20.40 -2.22 7.13
N SER B 305 -21.63 -1.75 7.35
CA SER B 305 -21.98 -0.35 7.20
C SER B 305 -22.26 0.37 8.52
N SER B 306 -21.52 0.09 9.58
CA SER B 306 -21.74 0.71 10.89
C SER B 306 -20.42 1.17 11.49
N GLY B 307 -19.62 1.89 10.71
CA GLY B 307 -18.38 2.39 11.28
C GLY B 307 -17.20 1.47 11.03
N ASP B 308 -16.95 0.57 11.98
CA ASP B 308 -15.82 -0.35 11.89
C ASP B 308 -15.92 -1.26 10.67
N LEU B 309 -14.94 -2.14 10.50
CA LEU B 309 -14.63 -2.86 9.26
C LEU B 309 -14.14 -1.86 8.21
N PRO B 310 -13.00 -1.18 8.45
CA PRO B 310 -12.48 -0.25 7.44
C PRO B 310 -11.64 -0.94 6.38
N CYS B 311 -12.01 -0.79 5.11
CA CYS B 311 -11.24 -1.32 4.00
C CYS B 311 -11.08 -0.24 2.95
N MET B 312 -9.86 -0.06 2.46
CA MET B 312 -9.52 0.97 1.47
C MET B 312 -9.07 0.32 0.16
N GLU B 313 -9.70 -0.79 -0.21
CA GLU B 313 -9.36 -1.47 -1.47
C GLU B 313 -9.75 -0.65 -2.70
N ASN B 314 -10.59 0.36 -2.54
CA ASN B 314 -11.13 1.07 -3.70
C ASN B 314 -10.13 2.05 -4.28
N ALA B 315 -8.90 1.58 -4.54
CA ALA B 315 -7.84 2.37 -5.13
C ALA B 315 -6.61 1.49 -5.31
N VAL B 316 -5.72 1.91 -6.20
CA VAL B 316 -4.35 1.43 -6.21
C VAL B 316 -3.39 2.50 -5.68
N LEU B 317 -3.68 3.77 -5.92
CA LEU B 317 -2.85 4.86 -5.40
C LEU B 317 -2.79 4.85 -3.88
N ALA B 318 -3.82 4.31 -3.22
CA ALA B 318 -3.81 4.25 -1.76
C ALA B 318 -2.72 3.31 -1.25
N LEU B 319 -2.67 2.08 -1.78
CA LEU B 319 -1.61 1.17 -1.37
C LEU B 319 -0.24 1.65 -1.84
N ALA B 320 -0.19 2.30 -3.01
CA ALA B 320 1.05 2.90 -3.48
C ALA B 320 1.51 4.00 -2.52
N GLN B 321 0.57 4.77 -1.97
CA GLN B 321 0.94 5.82 -1.03
C GLN B 321 1.35 5.24 0.33
N ILE B 322 0.81 4.07 0.70
CA ILE B 322 1.30 3.40 1.90
C ILE B 322 2.72 2.91 1.68
N GLU B 323 3.01 2.35 0.50
CA GLU B 323 4.39 2.04 0.17
C GLU B 323 5.25 3.30 0.18
N ASN B 324 4.68 4.42 -0.27
CA ASN B 324 5.41 5.68 -0.22
C ASN B 324 5.68 6.12 1.22
N SER B 325 4.76 5.80 2.14
CA SER B 325 5.01 6.05 3.55
C SER B 325 6.17 5.20 4.06
N ALA B 326 6.24 3.94 3.64
CA ALA B 326 7.42 3.12 3.91
C ALA B 326 8.67 3.79 3.34
N ALA B 327 8.54 4.44 2.19
CA ALA B 327 9.66 5.18 1.62
C ALA B 327 10.04 6.39 2.47
N VAL B 328 9.06 7.05 3.09
CA VAL B 328 9.35 8.10 4.06
C VAL B 328 10.18 7.53 5.21
N GLN B 329 9.80 6.35 5.71
CA GLN B 329 10.58 5.72 6.77
C GLN B 329 12.00 5.41 6.29
N LYS B 330 12.14 4.90 5.07
CA LYS B 330 13.46 4.61 4.52
C LYS B 330 14.28 5.88 4.37
N ALA B 331 13.64 6.96 3.91
CA ALA B 331 14.35 8.23 3.75
C ALA B 331 14.77 8.80 5.10
N ILE B 332 13.93 8.63 6.13
CA ILE B 332 14.32 9.04 7.47
C ILE B 332 15.53 8.25 7.94
N ALA B 333 15.54 6.95 7.69
CA ALA B 333 16.69 6.12 8.05
C ALA B 333 17.94 6.59 7.30
N HIS B 334 17.78 6.89 6.01
CA HIS B 334 18.91 7.34 5.19
C HIS B 334 19.42 8.70 5.68
N TYR B 335 18.51 9.62 6.00
CA TYR B 335 18.90 10.91 6.56
C TYR B 335 19.62 10.74 7.90
N GLU B 336 19.12 9.86 8.75
CA GLU B 336 19.77 9.61 10.05
C GLU B 336 21.14 8.99 9.86
N GLN B 337 21.31 8.14 8.85
CA GLN B 337 22.63 7.56 8.58
C GLN B 337 23.66 8.65 8.28
N GLN B 338 23.36 9.54 7.34
CA GLN B 338 24.31 10.58 6.98
C GLN B 338 24.44 11.66 8.04
N MET B 339 23.45 11.81 8.91
CA MET B 339 23.56 12.80 9.99
C MET B 339 24.18 12.24 11.25
N GLY B 340 24.37 10.92 11.34
CA GLY B 340 25.01 10.33 12.49
C GLY B 340 26.40 9.80 12.24
N GLN B 341 26.64 9.24 11.05
CA GLN B 341 27.92 8.63 10.72
C GLN B 341 28.85 9.57 9.95
N LYS B 342 28.29 10.42 9.07
CA LYS B 342 29.13 11.34 8.32
C LYS B 342 29.62 12.51 9.16
N VAL B 343 28.82 12.97 10.12
CA VAL B 343 29.13 14.18 10.88
C VAL B 343 29.04 13.88 12.37
N GLN B 344 29.76 14.70 13.14
CA GLN B 344 29.93 14.47 14.57
C GLN B 344 28.71 14.95 15.36
N LEU B 345 28.72 14.63 16.65
CA LEU B 345 27.63 14.92 17.57
C LEU B 345 27.59 16.40 18.00
N PRO B 346 28.68 16.98 18.51
CA PRO B 346 28.64 18.41 18.84
C PRO B 346 28.80 19.25 17.58
N THR B 347 28.77 20.57 17.76
CA THR B 347 28.64 21.47 16.63
C THR B 347 29.69 22.58 16.72
N GLU B 348 29.81 23.34 15.63
CA GLU B 348 30.70 24.48 15.53
C GLU B 348 29.97 25.80 15.41
N THR B 349 29.00 25.89 14.49
CA THR B 349 28.25 27.12 14.29
C THR B 349 26.85 26.78 13.84
N LEU B 350 25.91 27.69 14.13
CA LEU B 350 24.53 27.50 13.72
C LEU B 350 24.40 27.48 12.20
N GLN B 351 25.14 28.35 11.51
CA GLN B 351 25.16 28.31 10.06
C GLN B 351 25.81 27.02 9.55
N GLU B 352 26.78 26.48 10.27
CA GLU B 352 27.37 25.20 9.88
C GLU B 352 26.33 24.09 9.94
N LEU B 353 25.55 24.04 11.01
CA LEU B 353 24.46 23.06 11.08
C LEU B 353 23.37 23.34 10.05
N LEU B 354 23.13 24.62 9.75
CA LEU B 354 22.17 24.96 8.70
C LEU B 354 22.58 24.35 7.37
N ASP B 355 23.84 24.57 6.98
CA ASP B 355 24.34 24.00 5.73
C ASP B 355 24.41 22.49 5.81
N LEU B 356 24.72 21.94 6.99
CA LEU B 356 24.81 20.49 7.14
C LEU B 356 23.44 19.85 6.92
N HIS B 357 22.41 20.38 7.55
CA HIS B 357 21.06 19.88 7.30
C HIS B 357 20.64 20.16 5.86
N ARG B 358 21.13 21.26 5.29
CA ARG B 358 20.78 21.61 3.91
C ARG B 358 21.29 20.55 2.94
N ASP B 359 22.54 20.10 3.10
CA ASP B 359 23.07 19.07 2.21
C ASP B 359 22.49 17.69 2.53
N SER B 360 22.26 17.40 3.81
CA SER B 360 21.57 16.16 4.17
C SER B 360 20.19 16.09 3.54
N GLU B 361 19.52 17.24 3.42
CA GLU B 361 18.24 17.28 2.74
C GLU B 361 18.41 17.16 1.23
N ARG B 362 19.41 17.85 0.66
CA ARG B 362 19.71 17.68 -0.76
C ARG B 362 20.19 16.27 -1.09
N GLU B 363 20.32 15.41 -0.08
CA GLU B 363 20.42 13.97 -0.31
C GLU B 363 19.10 13.24 -0.05
N ALA B 364 18.43 13.57 1.07
CA ALA B 364 17.27 12.79 1.52
C ALA B 364 16.07 12.99 0.60
N ILE B 365 15.84 14.22 0.12
CA ILE B 365 14.67 14.48 -0.70
C ILE B 365 14.75 13.73 -2.01
N GLU B 366 15.92 13.67 -2.63
CA GLU B 366 16.07 12.92 -3.87
C GLU B 366 16.11 11.42 -3.62
N VAL B 367 16.60 10.99 -2.45
CA VAL B 367 16.42 9.59 -2.07
C VAL B 367 14.94 9.27 -1.94
N PHE B 368 14.18 10.19 -1.35
CA PHE B 368 12.73 10.04 -1.28
C PHE B 368 12.14 9.91 -2.68
N ILE B 369 12.48 10.83 -3.58
CA ILE B 369 11.87 10.86 -4.90
C ILE B 369 12.30 9.64 -5.72
N ARG B 370 13.46 9.06 -5.42
CA ARG B 370 13.89 7.86 -6.11
C ARG B 370 13.10 6.63 -5.64
N SER B 371 12.85 6.52 -4.34
CA SER B 371 12.17 5.38 -3.77
C SER B 371 10.67 5.60 -3.56
N SER B 372 10.12 6.68 -4.13
CA SER B 372 8.77 7.13 -3.80
C SER B 372 7.77 6.62 -4.83
N PHE B 373 6.57 7.20 -4.78
CA PHE B 373 5.54 7.02 -5.79
C PHE B 373 4.97 8.39 -6.14
N LYS B 374 4.13 8.42 -7.17
CA LYS B 374 3.49 9.65 -7.60
C LYS B 374 2.47 10.07 -6.55
N ASP B 375 2.77 11.14 -5.82
CA ASP B 375 1.89 11.65 -4.77
C ASP B 375 1.11 12.85 -5.27
N VAL B 376 -0.16 12.92 -4.88
CA VAL B 376 -1.06 13.96 -5.35
C VAL B 376 -0.83 15.24 -4.56
N ASP B 377 -0.67 16.35 -5.28
CA ASP B 377 -0.54 17.69 -4.70
C ASP B 377 0.63 17.80 -3.72
N HIS B 378 1.62 16.92 -3.85
CA HIS B 378 2.77 16.89 -2.94
C HIS B 378 2.35 16.78 -1.49
N LEU B 379 1.25 16.06 -1.23
CA LEU B 379 0.79 15.86 0.14
C LEU B 379 1.82 15.07 0.95
N PHE B 380 2.25 13.93 0.43
CA PHE B 380 3.24 13.13 1.12
C PHE B 380 4.62 13.79 1.10
N GLN B 381 4.91 14.55 0.04
CA GLN B 381 6.17 15.30 -0.01
C GLN B 381 6.23 16.32 1.11
N LYS B 382 5.14 17.07 1.32
CA LYS B 382 5.11 18.05 2.40
C LYS B 382 5.00 17.36 3.76
N GLU B 383 4.42 16.16 3.80
CA GLU B 383 4.45 15.38 5.04
C GLU B 383 5.87 14.99 5.41
N LEU B 384 6.67 14.55 4.43
CA LEU B 384 8.08 14.28 4.68
C LEU B 384 8.82 15.55 5.07
N ALA B 385 8.46 16.68 4.46
CA ALA B 385 9.07 17.95 4.83
C ALA B 385 8.78 18.29 6.29
N ALA B 386 7.54 18.09 6.73
CA ALA B 386 7.20 18.33 8.12
C ALA B 386 7.92 17.35 9.04
N GLN B 387 8.01 16.08 8.63
CA GLN B 387 8.72 15.10 9.44
C GLN B 387 10.20 15.44 9.54
N LEU B 388 10.80 15.89 8.44
CA LEU B 388 12.20 16.29 8.47
C LEU B 388 12.41 17.56 9.28
N GLU B 389 11.43 18.47 9.27
CA GLU B 389 11.51 19.65 10.12
C GLU B 389 11.43 19.26 11.59
N LYS B 390 10.56 18.31 11.94
CA LYS B 390 10.51 17.82 13.31
C LYS B 390 11.82 17.14 13.69
N LYS B 391 12.38 16.35 12.79
CA LYS B 391 13.67 15.72 13.05
C LYS B 391 14.79 16.75 13.18
N ARG B 392 14.72 17.82 12.38
CA ARG B 392 15.71 18.89 12.49
C ARG B 392 15.60 19.59 13.84
N ASP B 393 14.38 19.84 14.30
CA ASP B 393 14.19 20.44 15.62
C ASP B 393 14.68 19.50 16.72
N ASP B 394 14.43 18.19 16.56
CA ASP B 394 14.93 17.21 17.52
C ASP B 394 16.46 17.21 17.54
N PHE B 395 17.08 17.30 16.37
CA PHE B 395 18.54 17.34 16.31
C PHE B 395 19.08 18.66 16.85
N CYS B 396 18.34 19.75 16.69
CA CYS B 396 18.75 21.01 17.29
C CYS B 396 18.67 20.95 18.81
N LYS B 397 17.62 20.31 19.35
CA LYS B 397 17.56 20.08 20.79
C LYS B 397 18.69 19.18 21.24
N GLN B 398 18.98 18.12 20.49
CA GLN B 398 20.11 17.25 20.80
C GLN B 398 21.42 18.03 20.76
N ASN B 399 21.54 18.99 19.84
CA ASN B 399 22.72 19.83 19.76
C ASN B 399 22.81 20.75 20.97
N GLN B 400 21.70 21.39 21.34
CA GLN B 400 21.71 22.28 22.49
C GLN B 400 21.95 21.54 23.79
N GLU B 401 21.66 20.23 23.83
CA GLU B 401 21.98 19.42 25.01
C GLU B 401 23.42 18.94 24.97
N ALA B 402 23.86 18.40 23.83
CA ALA B 402 25.21 17.85 23.72
C ALA B 402 26.26 18.95 23.85
N SER B 403 26.04 20.10 23.21
CA SER B 403 26.99 21.20 23.35
C SER B 403 26.96 21.81 24.73
N SER B 404 25.80 21.81 25.39
CA SER B 404 25.74 22.26 26.78
C SER B 404 26.58 21.36 27.67
N ASP B 405 26.44 20.03 27.51
CA ASP B 405 27.27 19.11 28.27
C ASP B 405 28.74 19.29 27.92
N ARG B 406 29.06 19.49 26.64
CA ARG B 406 30.43 19.67 26.21
C ARG B 406 31.06 20.90 26.85
N CYS B 407 30.33 22.02 26.84
CA CYS B 407 30.85 23.24 27.44
C CYS B 407 30.97 23.12 28.96
N SER B 408 29.98 22.49 29.61
CA SER B 408 30.09 22.26 31.04
C SER B 408 31.29 21.38 31.37
N ALA B 409 31.48 20.29 30.62
CA ALA B 409 32.62 19.42 30.85
C ALA B 409 33.94 20.12 30.56
N LEU B 410 33.98 20.93 29.50
CA LEU B 410 35.21 21.66 29.18
C LEU B 410 35.54 22.67 30.27
N LEU B 411 34.52 23.34 30.81
CA LEU B 411 34.75 24.21 31.97
C LEU B 411 35.27 23.42 33.15
N GLN B 412 34.67 22.25 33.41
CA GLN B 412 35.12 21.43 34.54
C GLN B 412 36.51 20.83 34.32
N VAL B 413 37.00 20.82 33.09
CA VAL B 413 38.26 20.15 32.78
C VAL B 413 39.40 21.14 32.55
N ILE B 414 39.11 22.39 32.18
CA ILE B 414 40.12 23.39 31.92
C ILE B 414 39.97 24.61 32.84
N PHE B 415 38.73 25.03 33.11
CA PHE B 415 38.49 26.20 33.94
C PHE B 415 38.42 25.83 35.42
N SER B 416 37.61 24.81 35.76
CA SER B 416 37.49 24.41 37.16
C SER B 416 38.80 23.92 37.77
N PRO B 417 39.61 23.06 37.11
CA PRO B 417 40.87 22.63 37.74
C PRO B 417 41.88 23.75 37.88
N LEU B 418 41.69 24.89 37.20
CA LEU B 418 42.56 26.03 37.33
C LEU B 418 41.94 27.17 38.14
N GLU B 419 40.70 27.01 38.62
CA GLU B 419 40.04 28.03 39.42
C GLU B 419 39.69 27.56 40.82
N GLU B 420 39.08 26.37 40.96
CA GLU B 420 38.63 25.92 42.27
C GLU B 420 39.80 25.60 43.20
N GLU B 421 40.89 25.07 42.66
CA GLU B 421 42.05 24.73 43.48
C GLU B 421 42.78 25.97 44.00
N VAL B 422 42.61 27.11 43.33
CA VAL B 422 43.28 28.34 43.73
C VAL B 422 42.34 29.36 44.38
N LYS B 423 41.02 29.17 44.27
CA LYS B 423 40.09 30.09 44.89
C LYS B 423 40.06 29.97 46.41
N ALA B 424 40.69 28.95 46.98
CA ALA B 424 40.66 28.75 48.43
C ALA B 424 41.63 29.68 49.14
N GLY B 425 42.92 29.54 48.85
CA GLY B 425 43.93 30.32 49.55
C GLY B 425 44.84 31.15 48.66
N ILE B 426 44.95 30.77 47.38
CA ILE B 426 45.86 31.48 46.48
C ILE B 426 45.39 32.90 46.23
N TYR B 427 44.08 33.09 46.06
CA TYR B 427 43.54 34.42 45.79
C TYR B 427 43.39 35.28 47.02
N SER B 428 43.80 34.80 48.19
CA SER B 428 43.82 35.62 49.39
C SER B 428 44.92 36.68 49.36
N LYS B 429 45.82 36.61 48.38
CA LYS B 429 46.93 37.54 48.30
C LYS B 429 46.43 38.95 47.97
N PRO B 430 47.20 39.98 48.32
CA PRO B 430 46.76 41.37 48.08
C PRO B 430 46.83 41.74 46.60
N GLY B 431 45.77 41.44 45.86
CA GLY B 431 45.74 41.73 44.43
C GLY B 431 45.52 40.51 43.57
N GLY B 432 44.83 39.51 44.10
CA GLY B 432 44.53 38.32 43.32
C GLY B 432 43.70 38.60 42.09
N TYR B 433 42.77 39.55 42.20
CA TYR B 433 41.90 39.90 41.07
C TYR B 433 42.73 40.46 39.91
N ARG B 434 43.76 41.25 40.22
CA ARG B 434 44.55 41.90 39.18
C ARG B 434 45.17 40.88 38.23
N LEU B 435 45.60 39.73 38.75
CA LEU B 435 46.12 38.67 37.91
C LEU B 435 45.07 37.64 37.52
N PHE B 436 43.94 37.58 38.22
CA PHE B 436 42.87 36.66 37.83
C PHE B 436 42.24 37.08 36.52
N VAL B 437 42.09 38.39 36.29
CA VAL B 437 41.57 38.85 35.00
C VAL B 437 42.54 38.48 33.89
N GLN B 438 43.84 38.69 34.13
CA GLN B 438 44.84 38.31 33.13
C GLN B 438 44.83 36.81 32.88
N LYS B 439 44.62 36.01 33.93
CA LYS B 439 44.46 34.57 33.76
C LYS B 439 43.26 34.26 32.88
N LEU B 440 42.07 34.62 33.34
CA LEU B 440 40.82 34.25 32.68
C LEU B 440 40.75 34.79 31.26
N GLN B 441 40.69 36.11 31.10
CA GLN B 441 40.36 36.70 29.82
C GLN B 441 41.45 36.53 28.77
N ASP B 442 42.65 36.14 29.17
CA ASP B 442 43.76 35.99 28.23
C ASP B 442 44.19 34.55 28.02
N LEU B 443 43.74 33.61 28.85
CA LEU B 443 44.04 32.20 28.65
C LEU B 443 42.79 31.35 28.46
N LYS B 444 41.82 31.42 29.38
CA LYS B 444 40.70 30.50 29.34
C LYS B 444 39.78 30.80 28.17
N LYS B 445 39.39 32.08 28.01
CA LYS B 445 38.54 32.46 26.89
C LYS B 445 39.27 32.29 25.57
N LYS B 446 40.59 32.56 25.56
CA LYS B 446 41.36 32.42 24.34
C LYS B 446 41.44 30.96 23.90
N TYR B 447 41.64 30.04 24.85
CA TYR B 447 41.65 28.62 24.54
C TYR B 447 40.25 28.08 24.27
N TYR B 448 39.21 28.79 24.74
CA TYR B 448 37.84 28.35 24.51
C TYR B 448 37.50 28.30 23.03
N GLU B 449 38.27 28.97 22.18
CA GLU B 449 38.09 28.90 20.73
C GLU B 449 38.52 27.56 20.14
N GLU B 450 38.84 26.58 20.98
CA GLU B 450 39.07 25.23 20.50
C GLU B 450 37.85 24.74 19.74
N PRO B 451 38.02 24.07 18.60
CA PRO B 451 36.87 23.73 17.75
C PRO B 451 35.81 22.92 18.49
N ARG B 452 34.64 22.83 17.84
CA ARG B 452 33.46 22.18 18.40
C ARG B 452 32.98 22.88 19.67
N LYS B 453 33.05 24.22 19.66
CA LYS B 453 32.52 25.00 20.78
C LYS B 453 31.00 24.82 20.90
N GLY B 454 30.29 25.06 19.81
CA GLY B 454 28.84 25.08 19.83
C GLY B 454 28.34 26.50 20.06
N ILE B 455 27.80 27.14 19.02
CA ILE B 455 27.33 28.51 19.17
C ILE B 455 26.09 28.56 20.05
N GLN B 456 25.34 27.47 20.13
CA GLN B 456 24.21 27.37 21.05
C GLN B 456 24.66 27.32 22.50
N ALA B 457 25.95 27.09 22.76
CA ALA B 457 26.49 27.08 24.10
C ALA B 457 27.25 28.36 24.44
N GLU B 458 27.22 29.36 23.55
CA GLU B 458 27.88 30.63 23.86
C GLU B 458 27.22 31.32 25.05
N GLU B 459 25.89 31.27 25.12
CA GLU B 459 25.18 31.86 26.25
C GLU B 459 25.50 31.15 27.56
N ILE B 460 25.98 29.91 27.50
CA ILE B 460 26.42 29.22 28.71
C ILE B 460 27.62 29.92 29.32
N LEU B 461 28.49 30.49 28.49
CA LEU B 461 29.58 31.31 28.99
C LEU B 461 29.04 32.51 29.76
N GLN B 462 28.01 33.16 29.23
CA GLN B 462 27.41 34.29 29.93
C GLN B 462 26.80 33.86 31.25
N THR B 463 26.12 32.71 31.28
CA THR B 463 25.57 32.19 32.52
C THR B 463 26.68 31.91 33.53
N TYR B 464 27.79 31.33 33.06
CA TYR B 464 28.91 31.05 33.96
C TYR B 464 29.48 32.33 34.54
N LEU B 465 29.65 33.37 33.72
CA LEU B 465 30.12 34.65 34.24
C LEU B 465 29.12 35.24 35.23
N LYS B 466 27.83 35.17 34.92
CA LYS B 466 26.80 35.62 35.86
C LYS B 466 26.79 34.80 37.14
N SER B 467 27.36 33.59 37.12
CA SER B 467 27.52 32.79 38.32
C SER B 467 28.86 33.03 39.02
N LYS B 468 29.83 33.62 38.33
CA LYS B 468 31.16 33.83 38.90
C LYS B 468 31.34 35.20 39.52
N GLU B 469 30.29 36.04 39.55
CA GLU B 469 30.44 37.38 40.09
C GLU B 469 30.71 37.38 41.58
N SER B 470 30.44 36.27 42.27
CA SER B 470 30.65 36.16 43.71
C SER B 470 32.09 35.78 44.07
N MET B 471 32.95 35.55 43.08
CA MET B 471 34.38 35.48 43.33
C MET B 471 35.21 36.33 42.38
N THR B 472 34.58 37.04 41.43
CA THR B 472 35.32 38.02 40.64
C THR B 472 35.89 39.11 41.53
N ASP B 473 35.01 39.82 42.27
CA ASP B 473 35.43 40.89 43.15
C ASP B 473 35.29 40.56 44.62
N ALA B 474 34.65 39.44 44.96
CA ALA B 474 34.39 39.08 46.34
C ALA B 474 35.53 38.20 46.87
N ILE B 475 35.29 37.57 48.03
CA ILE B 475 36.31 36.86 48.80
C ILE B 475 37.42 37.85 49.15
N LEU B 476 37.02 39.06 49.54
CA LEU B 476 37.94 40.08 50.05
C LEU B 476 39.03 40.41 49.03
N GLN B 477 38.60 40.96 47.89
CA GLN B 477 39.55 41.51 46.93
C GLN B 477 39.93 42.93 47.32
N THR B 478 40.29 43.11 48.60
CA THR B 478 40.68 44.41 49.12
C THR B 478 41.85 44.30 50.09
N ASP B 479 42.62 43.20 50.03
CA ASP B 479 43.73 43.00 50.95
C ASP B 479 44.85 44.02 50.75
N GLN B 480 44.86 44.73 49.62
CA GLN B 480 45.84 45.79 49.43
C GLN B 480 45.66 46.90 50.47
N THR B 481 44.41 47.24 50.78
CA THR B 481 44.15 48.24 51.81
C THR B 481 44.65 47.78 53.16
N LEU B 482 44.45 46.51 53.49
CA LEU B 482 44.91 45.97 54.77
C LEU B 482 46.43 46.02 54.86
N THR B 483 47.13 45.69 53.78
CA THR B 483 48.58 45.72 53.77
C THR B 483 49.09 47.16 53.62
PB GDP C . 0.28 -16.04 -24.93
O1B GDP C . 0.32 -15.09 -23.82
O2B GDP C . 1.35 -15.90 -25.93
O3B GDP C . 0.11 -17.38 -24.39
O3A GDP C . -1.06 -15.90 -25.73
PA GDP C . -1.14 -16.94 -26.91
O1A GDP C . 0.02 -17.81 -26.87
O2A GDP C . -1.37 -16.28 -28.19
O5' GDP C . -2.45 -17.78 -26.82
C5' GDP C . -3.09 -18.08 -28.04
C4' GDP C . -4.02 -19.23 -27.75
O4' GDP C . -5.36 -18.79 -27.79
C3' GDP C . -3.95 -20.21 -28.87
O3' GDP C . -4.49 -21.41 -28.39
C2' GDP C . -4.88 -19.65 -29.86
O2' GDP C . -5.32 -20.66 -30.76
C1' GDP C . -6.01 -19.23 -28.98
N9 GDP C . -6.78 -18.15 -29.64
C8 GDP C . -6.56 -17.70 -30.87
N7 GDP C . -7.43 -16.72 -31.18
C5 GDP C . -8.22 -16.53 -30.13
C6 GDP C . -9.34 -15.65 -29.80
O6 GDP C . -9.76 -14.82 -30.61
N1 GDP C . -9.91 -15.78 -28.61
C2 GDP C . -9.47 -16.67 -27.70
N2 GDP C . -10.10 -16.72 -26.50
N3 GDP C . -8.45 -17.51 -27.94
C4 GDP C . -7.80 -17.48 -29.12
AL AF3 D . 2.01 -15.52 -22.50
F1 AF3 D . 2.81 -15.68 -24.00
F2 AF3 D . 1.00 -14.16 -22.31
F3 AF3 D . 1.51 -16.96 -21.71
MG MG E . 2.38 -15.63 -26.47
PB GDP F . -24.62 -11.02 -14.42
O1B GDP F . -23.33 -11.33 -13.69
O2B GDP F . -25.77 -11.28 -13.49
O3B GDP F . -24.60 -9.57 -14.83
O3A GDP F . -24.74 -11.98 -15.71
PA GDP F . -25.76 -11.63 -16.89
O1A GDP F . -25.90 -10.14 -17.10
O2A GDP F . -27.11 -12.24 -16.61
O5' GDP F . -25.12 -12.29 -18.21
C5' GDP F . -25.05 -11.47 -19.37
C4' GDP F . -25.06 -12.27 -20.66
O4' GDP F . -24.06 -13.29 -20.66
C3' GDP F . -26.38 -12.99 -20.90
O3' GDP F . -27.18 -12.25 -21.81
C2' GDP F . -26.00 -14.33 -21.50
O2' GDP F . -26.58 -14.46 -22.80
C1' GDP F . -24.49 -14.29 -21.59
N9 GDP F . -23.90 -15.62 -21.30
C8 GDP F . -24.57 -16.73 -20.94
N7 GDP F . -23.73 -17.77 -20.74
C5 GDP F . -22.48 -17.34 -20.97
C6 GDP F . -21.12 -17.91 -20.93
O6 GDP F . -20.93 -19.12 -20.64
N1 GDP F . -20.09 -17.11 -21.24
C2 GDP F . -20.25 -15.82 -21.56
N2 GDP F . -19.15 -15.07 -21.85
N3 GDP F . -21.47 -15.22 -21.61
C4 GDP F . -22.60 -15.91 -21.33
AL AF3 G . -24.47 -8.61 -13.07
F1 AF3 G . -23.17 -9.38 -12.29
F2 AF3 G . -25.98 -9.38 -12.94
F3 AF3 G . -24.12 -7.75 -14.50
MG MG H . -27.16 -11.10 -12.10
#